data_9H5Z
#
_entry.id   9H5Z
#
_cell.length_a   69.473
_cell.length_b   100.242
_cell.length_c   120.901
_cell.angle_alpha   90.00
_cell.angle_beta   90.00
_cell.angle_gamma   90.00
#
_symmetry.space_group_name_H-M   'P 21 21 21'
#
loop_
_entity.id
_entity.type
_entity.pdbx_description
1 polymer 'Monoamine oxidase'
2 non-polymer 'FLAVIN-ADENINE DINUCLEOTIDE'
3 non-polymer 'MAGNESIUM ION'
4 non-polymer BENZYLAMINE
5 water water
#
_entity_poly.entity_id   1
_entity_poly.type   'polypeptide(L)'
_entity_poly.pdbx_seq_one_letter_code
;MGSSHHHHHHGSGLVPRGSAGMPSEQVDVVVVGAGFAGLTAARAVHEAGRSVLVLEARDRVGGRTCTEEHHGTWIDLGGQ
WIGPGQDRVAALAAELGVETYPQPTEGDDVVLFGDGEPQRAPDVALAFSDEELTAYLELAGALEAIAEKVPLDAPWLAPE
AAAWDATTLREWVAGTGVPDRVAGLFEVAVQAVFAATSAQLSLLHAAHYVHSAGGWSKLTDTEGGAQQDRLVGGVQPLAE
RLAARLPDGALRLSTPVRGLAQDGDGVTVRTAGGEVRARRAIVAVPPTLAGRIDHDPPLPPQRDQLLQHMPQGSVVKFHV
IYDEPWWRAEGLSGTVLCPDEPIGVTFDGTPPAGTPGIVTGFFEGPAAVAAGARTREERRDVVVDVLARTLGERARDVRD
YIDRDWSAEPWTRGCYGAHLPPGAWTVYGPALRVPVGRVHWAGTETAERWTGYIDGAIESGQRAAAEVLAALGS
;
_entity_poly.pdbx_strand_id   A,B
#
# COMPACT_ATOMS: atom_id res chain seq x y z
N GLN A 26 -35.57 6.27 2.91
CA GLN A 26 -34.63 5.31 3.56
C GLN A 26 -34.90 3.87 3.09
N VAL A 27 -33.89 3.17 2.60
CA VAL A 27 -34.00 1.73 2.21
C VAL A 27 -33.32 0.87 3.28
N ASP A 28 -33.45 -0.45 3.18
CA ASP A 28 -32.88 -1.36 4.20
C ASP A 28 -31.35 -1.36 4.03
N VAL A 29 -30.89 -1.56 2.81
CA VAL A 29 -29.46 -1.83 2.51
C VAL A 29 -29.05 -1.00 1.31
N VAL A 30 -27.94 -0.26 1.42
CA VAL A 30 -27.23 0.35 0.27
C VAL A 30 -25.95 -0.45 0.02
N VAL A 31 -25.81 -0.96 -1.19
CA VAL A 31 -24.60 -1.67 -1.69
C VAL A 31 -23.78 -0.73 -2.58
N VAL A 32 -22.48 -0.59 -2.31
CA VAL A 32 -21.52 0.16 -3.16
C VAL A 32 -20.79 -0.85 -4.06
N GLY A 33 -21.02 -0.80 -5.37
CA GLY A 33 -20.35 -1.69 -6.36
C GLY A 33 -21.30 -2.73 -6.96
N ALA A 34 -21.28 -2.86 -8.28
CA ALA A 34 -22.08 -3.79 -9.08
C ALA A 34 -21.13 -4.73 -9.81
N GLY A 35 -20.08 -5.18 -9.14
CA GLY A 35 -19.35 -6.43 -9.47
C GLY A 35 -20.15 -7.63 -9.00
N PHE A 36 -19.62 -8.83 -9.18
CA PHE A 36 -20.29 -10.08 -8.74
C PHE A 36 -20.56 -10.00 -7.22
N ALA A 37 -19.67 -9.40 -6.42
CA ALA A 37 -19.86 -9.32 -4.95
C ALA A 37 -21.08 -8.44 -4.63
N GLY A 38 -21.16 -7.23 -5.19
CA GLY A 38 -22.27 -6.30 -4.92
C GLY A 38 -23.61 -6.81 -5.44
N LEU A 39 -23.63 -7.34 -6.67
CA LEU A 39 -24.88 -7.82 -7.30
C LEU A 39 -25.38 -9.09 -6.58
N THR A 40 -24.49 -9.98 -6.12
CA THR A 40 -24.84 -11.18 -5.31
C THR A 40 -25.42 -10.72 -3.97
N ALA A 41 -24.80 -9.76 -3.28
CA ALA A 41 -25.32 -9.26 -1.98
C ALA A 41 -26.69 -8.62 -2.21
N ALA A 42 -26.86 -7.85 -3.30
CA ALA A 42 -28.12 -7.14 -3.50
C ALA A 42 -29.23 -8.14 -3.82
N ARG A 43 -28.97 -9.14 -4.67
CA ARG A 43 -30.02 -10.12 -5.06
C ARG A 43 -30.45 -10.92 -3.83
N ALA A 44 -29.50 -11.32 -2.97
CA ALA A 44 -29.82 -12.12 -1.78
C ALA A 44 -30.61 -11.23 -0.81
N VAL A 45 -30.29 -9.94 -0.66
CA VAL A 45 -31.10 -9.03 0.22
C VAL A 45 -32.52 -8.88 -0.37
N HIS A 46 -32.62 -8.75 -1.70
CA HIS A 46 -33.90 -8.64 -2.45
C HIS A 46 -34.73 -9.91 -2.26
N GLU A 47 -34.15 -11.11 -2.36
CA GLU A 47 -34.87 -12.42 -2.20
C GLU A 47 -35.42 -12.57 -0.77
N ALA A 48 -34.78 -11.97 0.22
CA ALA A 48 -35.16 -12.05 1.64
C ALA A 48 -36.27 -11.04 1.98
N GLY A 49 -36.74 -10.23 1.02
CA GLY A 49 -37.88 -9.32 1.19
C GLY A 49 -37.50 -7.91 1.65
N ARG A 50 -36.23 -7.52 1.59
CA ARG A 50 -35.77 -6.18 2.06
C ARG A 50 -35.50 -5.29 0.83
N SER A 51 -35.62 -3.98 1.01
CA SER A 51 -35.38 -2.93 -0.01
C SER A 51 -33.88 -2.71 -0.15
N VAL A 52 -33.40 -2.58 -1.39
CA VAL A 52 -31.96 -2.52 -1.69
C VAL A 52 -31.75 -1.48 -2.80
N LEU A 53 -30.69 -0.69 -2.68
CA LEU A 53 -30.18 0.22 -3.72
C LEU A 53 -28.72 -0.16 -3.99
N VAL A 54 -28.32 -0.28 -5.27
CA VAL A 54 -26.93 -0.59 -5.70
C VAL A 54 -26.36 0.62 -6.45
N LEU A 55 -25.31 1.24 -5.94
CA LEU A 55 -24.72 2.45 -6.54
C LEU A 55 -23.41 2.05 -7.21
N GLU A 56 -23.29 2.22 -8.52
CA GLU A 56 -22.14 1.77 -9.34
C GLU A 56 -21.50 2.96 -10.06
N ALA A 57 -20.18 3.11 -10.03
CA ALA A 57 -19.45 4.29 -10.60
C ALA A 57 -19.43 4.26 -12.14
N ARG A 58 -19.33 3.09 -12.74
CA ARG A 58 -19.27 2.96 -14.21
C ARG A 58 -20.69 3.04 -14.80
N ASP A 59 -20.77 3.15 -16.12
CA ASP A 59 -22.05 3.14 -16.85
C ASP A 59 -22.46 1.68 -17.14
N ARG A 60 -21.84 0.70 -16.49
CA ARG A 60 -22.10 -0.76 -16.73
C ARG A 60 -21.91 -1.55 -15.44
N VAL A 61 -22.48 -2.74 -15.37
CA VAL A 61 -22.19 -3.71 -14.26
C VAL A 61 -21.00 -4.57 -14.65
N GLY A 62 -20.43 -5.35 -13.71
CA GLY A 62 -19.41 -6.37 -13.99
C GLY A 62 -18.06 -6.14 -13.34
N GLY A 63 -17.67 -4.88 -13.11
CA GLY A 63 -16.39 -4.49 -12.49
C GLY A 63 -15.19 -5.07 -13.23
N ARG A 64 -14.48 -6.01 -12.62
CA ARG A 64 -13.25 -6.62 -13.20
C ARG A 64 -13.60 -7.70 -14.25
N THR A 65 -14.86 -7.92 -14.54
CA THR A 65 -15.31 -8.62 -15.77
C THR A 65 -15.91 -7.56 -16.68
N CYS A 66 -15.61 -7.67 -17.97
CA CYS A 66 -15.89 -6.67 -19.01
C CYS A 66 -15.77 -7.35 -20.38
N THR A 67 -16.85 -7.33 -21.16
CA THR A 67 -16.99 -8.11 -22.40
C THR A 67 -17.36 -7.12 -23.49
N GLU A 68 -16.59 -7.05 -24.58
CA GLU A 68 -16.93 -6.21 -25.75
C GLU A 68 -17.03 -7.07 -27.02
N GLU A 69 -17.77 -6.59 -28.00
CA GLU A 69 -17.99 -7.29 -29.30
C GLU A 69 -16.99 -6.77 -30.31
N HIS A 70 -16.09 -7.61 -30.83
CA HIS A 70 -15.18 -7.28 -31.95
C HIS A 70 -15.07 -8.46 -32.91
N HIS A 71 -15.04 -8.25 -34.21
CA HIS A 71 -14.84 -9.33 -35.21
C HIS A 71 -15.87 -10.45 -35.01
N GLY A 72 -17.14 -10.09 -34.80
CA GLY A 72 -18.30 -11.00 -34.67
C GLY A 72 -18.21 -11.97 -33.49
N THR A 73 -17.43 -11.67 -32.43
CA THR A 73 -17.35 -12.54 -31.22
C THR A 73 -17.14 -11.69 -29.96
N TRP A 74 -17.20 -12.33 -28.80
CA TRP A 74 -17.02 -11.67 -27.47
C TRP A 74 -15.53 -11.62 -27.14
N ILE A 75 -15.09 -10.46 -26.61
CA ILE A 75 -13.72 -10.25 -26.04
C ILE A 75 -13.87 -10.02 -24.54
N ASP A 76 -13.44 -11.00 -23.74
CA ASP A 76 -13.32 -10.88 -22.27
C ASP A 76 -12.05 -10.06 -21.95
N LEU A 77 -12.23 -8.77 -21.68
CA LEU A 77 -11.11 -7.91 -21.28
C LEU A 77 -10.76 -8.17 -19.84
N GLY A 78 -11.71 -8.66 -19.04
CA GLY A 78 -11.52 -9.01 -17.62
C GLY A 78 -11.52 -10.51 -17.37
N GLY A 79 -11.99 -10.92 -16.19
CA GLY A 79 -12.13 -12.35 -15.83
C GLY A 79 -12.86 -13.13 -16.90
N GLN A 80 -12.36 -14.31 -17.28
CA GLN A 80 -12.99 -15.09 -18.37
C GLN A 80 -13.16 -16.59 -18.01
N TRP A 81 -12.40 -17.12 -17.05
CA TRP A 81 -12.29 -18.58 -16.78
C TRP A 81 -13.03 -18.98 -15.50
N ILE A 82 -13.67 -20.15 -15.55
CA ILE A 82 -14.14 -20.93 -14.36
C ILE A 82 -13.59 -22.36 -14.48
N GLY A 83 -13.41 -23.03 -13.34
CA GLY A 83 -12.96 -24.42 -13.29
C GLY A 83 -13.68 -25.21 -12.21
N PRO A 84 -13.40 -26.53 -12.17
CA PRO A 84 -13.88 -27.40 -11.08
C PRO A 84 -13.34 -26.91 -9.73
N GLY A 85 -14.16 -27.08 -8.70
CA GLY A 85 -13.96 -26.50 -7.36
C GLY A 85 -14.76 -25.22 -7.17
N GLN A 86 -15.11 -24.52 -8.25
CA GLN A 86 -15.71 -23.15 -8.19
C GLN A 86 -17.23 -23.31 -8.30
N ASP A 87 -17.88 -23.68 -7.21
CA ASP A 87 -19.24 -24.23 -7.30
C ASP A 87 -20.25 -23.07 -7.27
N ARG A 88 -19.86 -21.90 -6.78
CA ARG A 88 -20.77 -20.73 -6.72
C ARG A 88 -20.89 -20.12 -8.11
N VAL A 89 -19.82 -20.00 -8.88
CA VAL A 89 -19.94 -19.38 -10.22
C VAL A 89 -20.62 -20.41 -11.12
N ALA A 90 -20.31 -21.70 -10.99
CA ALA A 90 -20.91 -22.78 -11.81
C ALA A 90 -22.45 -22.81 -11.63
N ALA A 91 -22.94 -22.78 -10.39
CA ALA A 91 -24.38 -22.71 -10.04
C ALA A 91 -25.01 -21.40 -10.56
N LEU A 92 -24.31 -20.27 -10.50
CA LEU A 92 -24.91 -19.02 -11.03
C LEU A 92 -25.04 -19.18 -12.55
N ALA A 93 -24.02 -19.64 -13.26
CA ALA A 93 -24.07 -19.73 -14.74
C ALA A 93 -25.25 -20.63 -15.15
N ALA A 94 -25.40 -21.79 -14.51
CA ALA A 94 -26.47 -22.79 -14.79
C ALA A 94 -27.86 -22.18 -14.56
N GLU A 95 -28.05 -21.47 -13.45
CA GLU A 95 -29.33 -20.86 -13.02
C GLU A 95 -29.79 -19.76 -13.99
N LEU A 96 -28.88 -18.89 -14.47
CA LEU A 96 -29.25 -17.76 -15.37
C LEU A 96 -29.02 -18.17 -16.83
N GLY A 97 -28.74 -19.45 -17.09
CA GLY A 97 -28.82 -20.06 -18.43
C GLY A 97 -27.65 -19.68 -19.32
N VAL A 98 -26.44 -19.54 -18.78
CA VAL A 98 -25.24 -19.22 -19.63
C VAL A 98 -24.46 -20.51 -19.81
N GLU A 99 -24.19 -20.88 -21.07
CA GLU A 99 -23.48 -22.13 -21.43
C GLU A 99 -21.96 -21.94 -21.26
N THR A 100 -21.23 -23.03 -21.01
CA THR A 100 -19.75 -23.10 -20.95
C THR A 100 -19.20 -23.75 -22.22
N TYR A 101 -17.97 -23.44 -22.59
CA TYR A 101 -17.20 -24.18 -23.63
C TYR A 101 -15.81 -24.45 -23.06
N PRO A 102 -15.15 -25.58 -23.43
CA PRO A 102 -13.82 -25.92 -22.92
C PRO A 102 -12.73 -25.02 -23.52
N GLN A 103 -11.79 -24.56 -22.68
CA GLN A 103 -10.48 -24.00 -23.09
C GLN A 103 -9.78 -25.07 -23.93
N PRO A 104 -9.48 -24.81 -25.23
CA PRO A 104 -8.71 -25.74 -26.05
C PRO A 104 -7.36 -26.09 -25.42
N THR A 105 -6.88 -27.32 -25.62
CA THR A 105 -5.69 -27.90 -24.93
C THR A 105 -4.79 -28.71 -25.88
N GLU A 106 -5.31 -29.21 -27.00
CA GLU A 106 -4.59 -30.11 -27.93
C GLU A 106 -3.57 -29.31 -28.75
N GLY A 107 -2.57 -30.01 -29.31
CA GLY A 107 -1.43 -29.45 -30.06
C GLY A 107 -0.18 -29.33 -29.19
N ASP A 108 0.98 -29.15 -29.82
CA ASP A 108 2.26 -29.05 -29.07
C ASP A 108 2.37 -27.64 -28.48
N ASP A 109 2.72 -27.57 -27.21
CA ASP A 109 3.14 -26.31 -26.55
C ASP A 109 4.56 -25.97 -27.05
N VAL A 110 4.94 -24.69 -27.03
CA VAL A 110 6.30 -24.23 -27.39
C VAL A 110 6.94 -23.62 -26.12
N VAL A 111 8.13 -24.07 -25.75
CA VAL A 111 8.95 -23.49 -24.66
C VAL A 111 10.23 -22.87 -25.27
N LEU A 112 10.65 -21.71 -24.77
CA LEU A 112 11.81 -20.91 -25.24
C LEU A 112 12.54 -20.35 -24.00
N PHE A 113 13.84 -20.63 -23.88
CA PHE A 113 14.73 -20.25 -22.75
C PHE A 113 15.85 -19.32 -23.22
N GLY A 114 15.87 -18.07 -22.75
CA GLY A 114 16.90 -17.05 -23.07
C GLY A 114 17.18 -16.94 -24.57
N ASP A 115 18.46 -16.88 -24.94
CA ASP A 115 18.95 -16.70 -26.34
C ASP A 115 18.68 -17.95 -27.20
N GLY A 116 18.25 -19.06 -26.59
CA GLY A 116 18.10 -20.40 -27.22
C GLY A 116 17.06 -20.42 -28.31
N GLU A 117 16.92 -21.53 -29.02
CA GLU A 117 15.89 -21.72 -30.08
C GLU A 117 14.62 -22.27 -29.42
N PRO A 118 13.45 -22.11 -30.07
CA PRO A 118 12.19 -22.61 -29.52
C PRO A 118 12.03 -24.13 -29.65
N GLN A 119 11.39 -24.74 -28.66
CA GLN A 119 11.23 -26.23 -28.56
C GLN A 119 9.75 -26.61 -28.49
N ARG A 120 9.30 -27.44 -29.43
CA ARG A 120 7.95 -28.08 -29.41
C ARG A 120 7.97 -29.29 -28.46
N ALA A 121 6.94 -29.44 -27.63
CA ALA A 121 6.67 -30.70 -26.89
C ALA A 121 5.17 -30.87 -26.78
N PRO A 122 4.66 -32.11 -26.52
CA PRO A 122 3.23 -32.36 -26.34
C PRO A 122 2.63 -31.58 -25.14
N ASP A 123 3.48 -31.28 -24.16
CA ASP A 123 3.12 -30.51 -22.94
C ASP A 123 4.36 -29.74 -22.46
N VAL A 124 4.20 -28.44 -22.21
CA VAL A 124 5.11 -27.56 -21.42
C VAL A 124 6.10 -28.40 -20.58
N ALA A 125 5.60 -29.28 -19.71
CA ALA A 125 6.38 -29.97 -18.64
C ALA A 125 7.40 -30.97 -19.23
N LEU A 126 7.33 -31.25 -20.54
CA LEU A 126 8.18 -32.23 -21.26
C LEU A 126 9.30 -31.53 -22.06
N ALA A 127 9.78 -30.37 -21.61
CA ALA A 127 11.00 -29.67 -22.08
C ALA A 127 11.95 -29.47 -20.91
N PHE A 128 11.66 -30.17 -19.81
CA PHE A 128 12.41 -30.14 -18.53
C PHE A 128 12.88 -31.56 -18.17
N SER A 129 14.15 -31.70 -17.79
CA SER A 129 14.77 -32.95 -17.28
C SER A 129 13.89 -33.55 -16.17
N ASP A 130 14.15 -34.81 -15.84
CA ASP A 130 13.35 -35.57 -14.84
C ASP A 130 13.65 -34.97 -13.46
N GLU A 131 14.90 -34.57 -13.20
CA GLU A 131 15.35 -34.05 -11.87
C GLU A 131 14.74 -32.66 -11.66
N GLU A 132 14.54 -31.91 -12.76
CA GLU A 132 13.92 -30.56 -12.81
C GLU A 132 12.42 -30.65 -12.50
N LEU A 133 11.65 -31.36 -13.35
CA LEU A 133 10.21 -31.66 -13.15
C LEU A 133 9.93 -32.13 -11.71
N THR A 134 10.86 -32.86 -11.10
CA THR A 134 10.77 -33.43 -9.73
C THR A 134 11.01 -32.37 -8.66
N ALA A 135 12.01 -31.51 -8.87
CA ALA A 135 12.28 -30.39 -7.96
C ALA A 135 11.06 -29.47 -7.95
N TYR A 136 10.48 -29.19 -9.13
CA TYR A 136 9.27 -28.34 -9.31
C TYR A 136 8.11 -28.86 -8.42
N LEU A 137 7.89 -30.18 -8.37
CA LEU A 137 6.70 -30.78 -7.71
C LEU A 137 6.88 -30.92 -6.19
N GLU A 138 8.12 -31.11 -5.69
CA GLU A 138 8.46 -30.99 -4.24
C GLU A 138 8.25 -29.53 -3.78
N LEU A 139 8.61 -28.55 -4.62
CA LEU A 139 8.44 -27.09 -4.34
C LEU A 139 6.94 -26.77 -4.19
N ALA A 140 6.15 -27.05 -5.23
CA ALA A 140 4.67 -27.02 -5.18
C ALA A 140 4.17 -27.77 -3.93
N GLY A 141 4.67 -29.01 -3.71
CA GLY A 141 4.27 -29.88 -2.60
C GLY A 141 4.53 -29.22 -1.26
N ALA A 142 5.72 -28.64 -1.08
CA ALA A 142 6.15 -27.93 0.15
C ALA A 142 5.24 -26.73 0.42
N LEU A 143 4.90 -25.97 -0.62
CA LEU A 143 4.01 -24.78 -0.49
C LEU A 143 2.65 -25.24 0.01
N GLU A 144 2.11 -26.34 -0.55
CA GLU A 144 0.79 -26.91 -0.15
C GLU A 144 0.83 -27.33 1.32
N ALA A 145 1.94 -27.95 1.74
CA ALA A 145 2.19 -28.39 3.13
C ALA A 145 2.04 -27.20 4.08
N ILE A 146 2.57 -26.04 3.73
CA ILE A 146 2.42 -24.82 4.58
C ILE A 146 0.97 -24.33 4.48
N ALA A 147 0.47 -24.23 3.25
CA ALA A 147 -0.91 -23.77 2.92
C ALA A 147 -1.93 -24.43 3.85
N GLU A 148 -1.91 -25.76 3.97
CA GLU A 148 -2.96 -26.54 4.70
C GLU A 148 -2.90 -26.24 6.19
N LYS A 149 -1.83 -25.62 6.71
CA LYS A 149 -1.73 -25.21 8.15
C LYS A 149 -2.37 -23.84 8.37
N VAL A 150 -2.76 -23.14 7.30
CA VAL A 150 -3.20 -21.71 7.33
C VAL A 150 -4.73 -21.67 7.28
N PRO A 151 -5.40 -21.26 8.39
CA PRO A 151 -6.86 -21.23 8.41
C PRO A 151 -7.41 -20.19 7.42
N LEU A 152 -8.42 -20.57 6.64
CA LEU A 152 -8.93 -19.77 5.51
C LEU A 152 -9.61 -18.51 6.01
N ASP A 153 -10.15 -18.53 7.22
CA ASP A 153 -10.91 -17.39 7.80
C ASP A 153 -10.00 -16.56 8.72
N ALA A 154 -8.82 -17.03 9.14
CA ALA A 154 -7.95 -16.27 10.06
C ALA A 154 -6.49 -16.67 9.88
N PRO A 155 -5.87 -16.35 8.72
CA PRO A 155 -4.47 -16.70 8.44
C PRO A 155 -3.50 -16.19 9.52
N TRP A 156 -3.87 -15.11 10.21
CA TRP A 156 -3.10 -14.59 11.37
C TRP A 156 -3.07 -15.57 12.55
N LEU A 157 -3.87 -16.65 12.53
CA LEU A 157 -3.92 -17.69 13.59
C LEU A 157 -3.13 -18.95 13.18
N ALA A 158 -2.43 -18.95 12.05
CA ALA A 158 -1.62 -20.12 11.67
C ALA A 158 -0.52 -20.33 12.72
N PRO A 159 -0.14 -21.59 13.03
CA PRO A 159 0.83 -21.86 14.08
C PRO A 159 2.16 -21.08 13.96
N GLU A 160 2.79 -21.02 12.79
CA GLU A 160 4.01 -20.19 12.59
C GLU A 160 3.65 -18.87 11.86
N ALA A 161 2.53 -18.22 12.24
CA ALA A 161 2.03 -17.01 11.54
C ALA A 161 3.11 -15.92 11.57
N ALA A 162 3.69 -15.64 12.75
CA ALA A 162 4.72 -14.59 12.93
C ALA A 162 5.86 -14.82 11.93
N ALA A 163 6.39 -16.04 11.86
CA ALA A 163 7.52 -16.41 10.98
C ALA A 163 7.10 -16.35 9.50
N TRP A 164 5.92 -16.81 9.12
CA TRP A 164 5.55 -16.84 7.66
C TRP A 164 5.19 -15.42 7.17
N ASP A 165 4.79 -14.51 8.05
CA ASP A 165 4.42 -13.12 7.66
C ASP A 165 5.62 -12.18 7.64
N ALA A 166 6.78 -12.65 8.08
CA ALA A 166 8.01 -11.83 8.20
C ALA A 166 8.94 -12.17 7.04
N THR A 167 8.47 -13.02 6.11
CA THR A 167 9.25 -13.66 5.02
C THR A 167 8.56 -13.39 3.68
N THR A 168 9.29 -13.13 2.62
CA THR A 168 8.71 -13.10 1.26
C THR A 168 8.61 -14.54 0.75
N LEU A 169 7.73 -14.77 -0.22
CA LEU A 169 7.71 -16.04 -0.99
C LEU A 169 9.09 -16.24 -1.65
N ARG A 170 9.74 -15.16 -2.10
CA ARG A 170 11.05 -15.26 -2.80
C ARG A 170 12.08 -15.85 -1.83
N GLU A 171 12.11 -15.36 -0.59
CA GLU A 171 13.09 -15.83 0.43
C GLU A 171 12.81 -17.32 0.74
N TRP A 172 11.54 -17.74 0.87
CA TRP A 172 11.17 -19.17 1.03
C TRP A 172 11.60 -19.98 -0.20
N VAL A 173 11.39 -19.53 -1.43
CA VAL A 173 11.83 -20.30 -2.63
C VAL A 173 13.35 -20.50 -2.56
N ALA A 174 14.12 -19.48 -2.20
CA ALA A 174 15.61 -19.54 -2.22
C ALA A 174 16.12 -20.47 -1.09
N GLY A 175 15.66 -20.29 0.15
CA GLY A 175 16.06 -21.07 1.34
C GLY A 175 15.52 -22.50 1.32
N THR A 176 14.72 -22.83 0.32
CA THR A 176 14.30 -24.21 -0.02
C THR A 176 15.49 -24.87 -0.72
N GLY A 177 16.20 -24.12 -1.54
CA GLY A 177 17.50 -24.53 -2.14
C GLY A 177 17.35 -25.14 -3.51
N VAL A 178 16.11 -25.26 -4.01
CA VAL A 178 15.80 -25.60 -5.44
C VAL A 178 16.84 -24.97 -6.38
N PRO A 179 17.01 -25.48 -7.62
CA PRO A 179 17.88 -24.82 -8.62
C PRO A 179 17.24 -23.67 -9.42
N ASP A 180 18.08 -22.97 -10.20
CA ASP A 180 17.82 -21.65 -10.83
C ASP A 180 16.75 -21.76 -11.93
N ARG A 181 16.79 -22.83 -12.72
CA ARG A 181 15.98 -22.94 -13.95
C ARG A 181 14.55 -23.36 -13.59
N VAL A 182 14.34 -23.82 -12.35
CA VAL A 182 13.05 -24.27 -11.78
C VAL A 182 12.41 -23.11 -10.99
N ALA A 183 13.21 -22.33 -10.25
CA ALA A 183 12.73 -21.11 -9.56
C ALA A 183 12.22 -20.10 -10.61
N GLY A 184 12.78 -20.13 -11.83
CA GLY A 184 12.34 -19.33 -12.98
C GLY A 184 11.02 -19.82 -13.57
N LEU A 185 10.83 -21.13 -13.67
CA LEU A 185 9.54 -21.72 -14.10
C LEU A 185 8.49 -21.34 -13.04
N PHE A 186 8.86 -21.45 -11.78
CA PHE A 186 7.95 -21.19 -10.65
C PHE A 186 7.55 -19.70 -10.68
N GLU A 187 8.49 -18.78 -10.94
CA GLU A 187 8.27 -17.31 -11.00
C GLU A 187 7.21 -16.99 -12.06
N VAL A 188 7.26 -17.66 -13.22
CA VAL A 188 6.24 -17.49 -14.30
C VAL A 188 4.86 -17.79 -13.69
N ALA A 189 4.74 -18.92 -12.99
CA ALA A 189 3.45 -19.36 -12.42
C ALA A 189 3.01 -18.37 -11.31
N VAL A 190 3.94 -17.93 -10.46
CA VAL A 190 3.62 -16.99 -9.36
C VAL A 190 3.02 -15.72 -9.95
N GLN A 191 3.62 -15.22 -11.05
CA GLN A 191 3.21 -13.99 -11.78
C GLN A 191 1.90 -14.23 -12.57
N ALA A 192 1.68 -15.43 -13.10
CA ALA A 192 0.38 -15.80 -13.75
C ALA A 192 -0.77 -15.77 -12.74
N VAL A 193 -0.51 -16.20 -11.50
CA VAL A 193 -1.52 -16.40 -10.43
C VAL A 193 -1.78 -15.08 -9.68
N PHE A 194 -0.72 -14.31 -9.37
CA PHE A 194 -0.74 -13.19 -8.38
C PHE A 194 -0.64 -11.80 -9.04
N ALA A 195 -0.17 -11.71 -10.29
CA ALA A 195 0.08 -10.45 -11.02
C ALA A 195 1.01 -9.53 -10.19
N ALA A 196 2.11 -10.11 -9.72
CA ALA A 196 3.04 -9.58 -8.71
C ALA A 196 4.19 -10.57 -8.58
N THR A 197 5.42 -10.11 -8.35
CA THR A 197 6.60 -11.00 -8.25
C THR A 197 6.57 -11.69 -6.88
N SER A 198 7.38 -12.75 -6.81
CA SER A 198 7.77 -13.51 -5.58
C SER A 198 8.24 -12.55 -4.47
N ALA A 199 8.93 -11.48 -4.83
CA ALA A 199 9.49 -10.55 -3.83
C ALA A 199 8.41 -9.70 -3.18
N GLN A 200 7.29 -9.43 -3.86
CA GLN A 200 6.27 -8.45 -3.34
C GLN A 200 5.31 -9.13 -2.34
N LEU A 201 5.26 -10.47 -2.32
CA LEU A 201 4.26 -11.28 -1.58
C LEU A 201 4.88 -11.83 -0.29
N SER A 202 4.15 -11.81 0.83
CA SER A 202 4.49 -12.62 2.03
C SER A 202 4.18 -14.09 1.78
N LEU A 203 4.92 -14.98 2.44
CA LEU A 203 4.72 -16.45 2.39
C LEU A 203 3.33 -16.80 2.92
N LEU A 204 2.94 -16.13 4.02
CA LEU A 204 1.60 -16.32 4.63
C LEU A 204 0.50 -15.95 3.63
N HIS A 205 0.66 -14.85 2.88
CA HIS A 205 -0.35 -14.44 1.86
C HIS A 205 -0.41 -15.52 0.78
N ALA A 206 0.73 -15.96 0.26
CA ALA A 206 0.82 -16.92 -0.86
C ALA A 206 0.24 -18.26 -0.39
N ALA A 207 0.52 -18.67 0.85
CA ALA A 207 0.05 -19.96 1.41
C ALA A 207 -1.47 -19.95 1.54
N HIS A 208 -2.04 -18.91 2.17
CA HIS A 208 -3.51 -18.68 2.28
C HIS A 208 -4.17 -18.82 0.91
N TYR A 209 -3.67 -18.09 -0.08
CA TYR A 209 -4.24 -18.12 -1.45
C TYR A 209 -4.34 -19.56 -1.95
N VAL A 210 -3.28 -20.34 -1.68
CA VAL A 210 -3.12 -21.73 -2.23
C VAL A 210 -4.12 -22.63 -1.51
N HIS A 211 -4.13 -22.58 -0.19
CA HIS A 211 -5.18 -23.24 0.64
C HIS A 211 -6.55 -22.84 0.06
N SER A 212 -6.82 -21.54 -0.08
CA SER A 212 -8.13 -20.95 -0.47
C SER A 212 -8.66 -21.63 -1.74
N ALA A 213 -7.78 -21.90 -2.71
CA ALA A 213 -8.12 -22.50 -4.02
C ALA A 213 -8.07 -24.03 -3.96
N GLY A 214 -7.51 -24.59 -2.88
CA GLY A 214 -7.37 -26.05 -2.70
C GLY A 214 -6.16 -26.65 -3.42
N GLY A 215 -5.03 -25.94 -3.53
CA GLY A 215 -3.77 -26.49 -4.06
C GLY A 215 -3.29 -25.79 -5.31
N TRP A 216 -2.07 -26.12 -5.73
CA TRP A 216 -1.28 -25.40 -6.76
C TRP A 216 -1.71 -25.82 -8.16
N SER A 217 -2.03 -27.09 -8.37
CA SER A 217 -2.57 -27.57 -9.67
C SER A 217 -3.92 -26.89 -9.93
N LYS A 218 -4.70 -26.65 -8.88
CA LYS A 218 -6.02 -25.96 -8.98
C LYS A 218 -5.82 -24.57 -9.61
N LEU A 219 -4.78 -23.83 -9.18
CA LEU A 219 -4.44 -22.44 -9.64
C LEU A 219 -3.81 -22.42 -11.03
N THR A 220 -3.01 -23.43 -11.39
CA THR A 220 -2.11 -23.41 -12.57
C THR A 220 -2.69 -24.20 -13.75
N ASP A 221 -3.49 -25.24 -13.51
CA ASP A 221 -3.82 -26.22 -14.58
C ASP A 221 -4.98 -25.72 -15.43
N THR A 222 -5.06 -26.18 -16.67
CA THR A 222 -6.20 -25.97 -17.61
C THR A 222 -7.25 -27.05 -17.33
N GLU A 223 -7.17 -28.21 -17.97
CA GLU A 223 -8.00 -29.40 -17.63
C GLU A 223 -7.79 -29.72 -16.15
N GLY A 224 -8.86 -29.68 -15.35
CA GLY A 224 -8.79 -29.98 -13.90
C GLY A 224 -8.58 -28.77 -13.01
N GLY A 225 -8.26 -27.58 -13.56
CA GLY A 225 -8.02 -26.36 -12.74
C GLY A 225 -8.81 -25.12 -13.18
N ALA A 226 -8.36 -23.95 -12.69
CA ALA A 226 -9.07 -22.67 -12.77
C ALA A 226 -9.23 -22.19 -14.23
N GLN A 227 -8.46 -22.70 -15.20
CA GLN A 227 -8.57 -22.24 -16.62
C GLN A 227 -9.23 -23.29 -17.51
N GLN A 228 -10.09 -24.14 -16.95
CA GLN A 228 -10.68 -25.30 -17.68
C GLN A 228 -11.74 -24.79 -18.65
N ASP A 229 -12.65 -23.93 -18.18
CA ASP A 229 -13.89 -23.57 -18.92
C ASP A 229 -13.98 -22.06 -19.10
N ARG A 230 -14.73 -21.68 -20.13
CA ARG A 230 -15.13 -20.30 -20.52
C ARG A 230 -16.66 -20.27 -20.62
N LEU A 231 -17.23 -19.08 -20.70
CA LEU A 231 -18.68 -18.82 -20.86
C LEU A 231 -18.97 -18.38 -22.31
N VAL A 232 -19.85 -19.08 -23.03
CA VAL A 232 -20.39 -18.67 -24.35
C VAL A 232 -20.98 -17.26 -24.22
N GLY A 233 -20.46 -16.29 -25.01
CA GLY A 233 -20.90 -14.88 -25.01
C GLY A 233 -20.15 -14.00 -24.00
N GLY A 234 -19.29 -14.57 -23.17
CA GLY A 234 -18.42 -13.83 -22.23
C GLY A 234 -19.05 -13.70 -20.86
N VAL A 235 -18.37 -13.05 -19.94
CA VAL A 235 -18.73 -13.07 -18.50
C VAL A 235 -19.64 -11.87 -18.18
N GLN A 236 -19.45 -10.70 -18.78
CA GLN A 236 -20.28 -9.52 -18.44
C GLN A 236 -21.78 -9.81 -18.61
N PRO A 237 -22.25 -10.49 -19.70
CA PRO A 237 -23.67 -10.85 -19.80
C PRO A 237 -24.23 -11.61 -18.59
N LEU A 238 -23.47 -12.48 -17.94
CA LEU A 238 -23.92 -13.22 -16.73
C LEU A 238 -24.18 -12.20 -15.59
N ALA A 239 -23.28 -11.22 -15.43
CA ALA A 239 -23.43 -10.14 -14.43
C ALA A 239 -24.69 -9.34 -14.79
N GLU A 240 -24.98 -9.21 -16.08
CA GLU A 240 -26.18 -8.46 -16.55
C GLU A 240 -27.45 -9.24 -16.17
N ARG A 241 -27.44 -10.56 -16.35
CA ARG A 241 -28.61 -11.44 -16.03
C ARG A 241 -28.83 -11.41 -14.51
N LEU A 242 -27.77 -11.40 -13.72
CA LEU A 242 -27.89 -11.27 -12.23
C LEU A 242 -28.52 -9.89 -11.90
N ALA A 243 -28.10 -8.82 -12.59
CA ALA A 243 -28.57 -7.43 -12.34
C ALA A 243 -30.08 -7.32 -12.64
N ALA A 244 -30.55 -7.96 -13.73
CA ALA A 244 -31.98 -8.00 -14.16
C ALA A 244 -32.90 -8.66 -13.09
N ARG A 245 -32.39 -9.38 -12.09
CA ARG A 245 -33.21 -9.92 -10.99
C ARG A 245 -33.63 -8.84 -10.01
N LEU A 246 -33.05 -7.63 -10.09
CA LEU A 246 -33.43 -6.49 -9.22
C LEU A 246 -34.56 -5.70 -9.85
N PRO A 247 -35.44 -5.06 -9.05
CA PRO A 247 -36.45 -4.16 -9.58
C PRO A 247 -35.91 -2.89 -10.28
N ASP A 248 -36.74 -2.30 -11.13
CA ASP A 248 -36.44 -1.00 -11.80
C ASP A 248 -36.17 0.03 -10.68
N GLY A 249 -35.10 0.83 -10.80
CA GLY A 249 -34.79 1.90 -9.85
C GLY A 249 -33.81 1.48 -8.76
N ALA A 250 -33.63 0.18 -8.56
CA ALA A 250 -32.70 -0.37 -7.55
C ALA A 250 -31.25 -0.15 -8.01
N LEU A 251 -30.92 -0.40 -9.29
CA LEU A 251 -29.54 -0.16 -9.81
C LEU A 251 -29.41 1.28 -10.34
N ARG A 252 -28.42 2.02 -9.85
CA ARG A 252 -28.05 3.38 -10.30
C ARG A 252 -26.63 3.35 -10.87
N LEU A 253 -26.49 3.58 -12.15
CA LEU A 253 -25.17 3.54 -12.87
C LEU A 253 -24.65 4.98 -12.93
N SER A 254 -23.38 5.12 -13.31
CA SER A 254 -22.71 6.42 -13.39
C SER A 254 -22.95 7.21 -12.08
N THR A 255 -22.99 6.53 -10.93
CA THR A 255 -23.24 7.14 -9.58
C THR A 255 -22.11 6.70 -8.64
N PRO A 256 -20.90 7.28 -8.78
CA PRO A 256 -19.79 6.97 -7.87
C PRO A 256 -20.19 7.35 -6.43
N VAL A 257 -19.82 6.54 -5.42
CA VAL A 257 -20.07 6.90 -3.98
C VAL A 257 -18.88 7.73 -3.54
N ARG A 258 -19.12 8.94 -3.03
CA ARG A 258 -18.04 9.87 -2.58
C ARG A 258 -17.94 9.86 -1.05
N GLY A 259 -19.05 9.65 -0.36
CA GLY A 259 -19.11 9.80 1.10
C GLY A 259 -19.98 8.72 1.69
N LEU A 260 -19.61 8.21 2.85
CA LEU A 260 -20.45 7.25 3.60
C LEU A 260 -20.40 7.63 5.09
N ALA A 261 -21.49 8.20 5.57
CA ALA A 261 -21.63 8.66 6.97
C ALA A 261 -22.56 7.70 7.69
N GLN A 262 -22.39 7.56 9.01
CA GLN A 262 -23.23 6.65 9.81
C GLN A 262 -23.40 7.22 11.21
N ASP A 263 -24.48 6.84 11.87
CA ASP A 263 -24.85 7.24 13.25
C ASP A 263 -25.59 6.06 13.87
N GLY A 264 -26.32 6.29 14.96
CA GLY A 264 -27.02 5.22 15.72
C GLY A 264 -28.28 4.74 15.02
N ASP A 265 -28.75 5.43 13.97
CA ASP A 265 -30.03 5.12 13.29
C ASP A 265 -29.82 4.70 11.83
N GLY A 266 -28.65 4.87 11.23
CA GLY A 266 -28.46 4.44 9.83
C GLY A 266 -27.25 5.08 9.18
N VAL A 267 -27.22 5.04 7.84
CA VAL A 267 -26.08 5.49 7.02
C VAL A 267 -26.60 6.45 5.96
N THR A 268 -25.76 7.40 5.56
CA THR A 268 -26.03 8.39 4.51
C THR A 268 -24.89 8.29 3.49
N VAL A 269 -25.26 8.09 2.22
CA VAL A 269 -24.34 8.00 1.06
C VAL A 269 -24.45 9.33 0.33
N ARG A 270 -23.34 10.07 0.20
CA ARG A 270 -23.20 11.29 -0.63
C ARG A 270 -22.64 10.90 -2.00
N THR A 271 -23.32 11.26 -3.09
CA THR A 271 -22.90 11.12 -4.52
C THR A 271 -22.95 12.51 -5.15
N ALA A 272 -22.43 12.72 -6.37
CA ALA A 272 -22.51 14.02 -7.08
C ALA A 272 -23.96 14.48 -7.12
N GLY A 273 -24.90 13.56 -7.39
CA GLY A 273 -26.34 13.83 -7.59
C GLY A 273 -27.08 14.25 -6.32
N GLY A 274 -26.71 13.71 -5.16
CA GLY A 274 -27.39 13.98 -3.88
C GLY A 274 -27.13 12.89 -2.86
N GLU A 275 -28.11 12.59 -2.02
CA GLU A 275 -27.96 11.69 -0.86
C GLU A 275 -28.82 10.45 -1.03
N VAL A 276 -28.43 9.36 -0.41
CA VAL A 276 -29.27 8.14 -0.25
C VAL A 276 -29.08 7.71 1.20
N ARG A 277 -30.16 7.39 1.92
N ARG A 277 -30.17 7.31 1.85
CA ARG A 277 -30.11 6.96 3.35
CA ARG A 277 -30.19 6.93 3.29
C ARG A 277 -30.58 5.50 3.41
C ARG A 277 -30.59 5.44 3.37
N ALA A 278 -29.94 4.69 4.26
CA ALA A 278 -30.24 3.27 4.48
C ALA A 278 -30.00 2.97 5.96
N ARG A 279 -30.45 1.79 6.41
CA ARG A 279 -30.15 1.24 7.74
C ARG A 279 -28.72 0.68 7.81
N ARG A 280 -28.25 0.01 6.75
CA ARG A 280 -26.93 -0.66 6.69
C ARG A 280 -26.35 -0.53 5.27
N ALA A 281 -25.03 -0.60 5.19
CA ALA A 281 -24.27 -0.47 3.94
C ALA A 281 -23.45 -1.75 3.74
N ILE A 282 -23.34 -2.19 2.50
CA ILE A 282 -22.29 -3.17 2.09
C ILE A 282 -21.40 -2.46 1.08
N VAL A 283 -20.08 -2.42 1.35
CA VAL A 283 -19.06 -1.86 0.43
C VAL A 283 -18.37 -3.07 -0.23
N ALA A 284 -18.56 -3.22 -1.54
CA ALA A 284 -18.11 -4.36 -2.37
C ALA A 284 -17.21 -3.83 -3.49
N VAL A 285 -16.27 -2.97 -3.14
CA VAL A 285 -15.24 -2.39 -4.07
C VAL A 285 -13.88 -2.95 -3.69
N PRO A 286 -12.87 -2.84 -4.60
CA PRO A 286 -11.50 -3.21 -4.25
C PRO A 286 -10.96 -2.38 -3.07
N PRO A 287 -10.14 -3.01 -2.21
CA PRO A 287 -9.63 -2.36 -1.00
C PRO A 287 -9.06 -0.94 -1.13
N THR A 288 -8.24 -0.68 -2.15
CA THR A 288 -7.68 0.66 -2.45
C THR A 288 -8.81 1.69 -2.60
N LEU A 289 -9.94 1.35 -3.25
CA LEU A 289 -11.03 2.31 -3.54
C LEU A 289 -11.93 2.50 -2.30
N ALA A 290 -12.06 1.48 -1.47
CA ALA A 290 -12.87 1.56 -0.25
C ALA A 290 -12.27 2.63 0.67
N GLY A 291 -10.93 2.73 0.69
CA GLY A 291 -10.16 3.68 1.51
C GLY A 291 -10.31 5.12 1.05
N ARG A 292 -10.67 5.36 -0.22
CA ARG A 292 -10.79 6.68 -0.88
C ARG A 292 -12.19 7.27 -0.67
N ILE A 293 -13.12 6.49 -0.16
CA ILE A 293 -14.45 7.00 0.24
C ILE A 293 -14.27 7.89 1.49
N ASP A 294 -14.92 9.06 1.51
CA ASP A 294 -14.97 9.98 2.67
C ASP A 294 -15.84 9.32 3.73
N HIS A 295 -15.24 8.58 4.68
CA HIS A 295 -15.97 7.91 5.79
C HIS A 295 -16.18 8.91 6.93
N ASP A 296 -17.33 8.82 7.60
CA ASP A 296 -17.70 9.71 8.72
C ASP A 296 -18.56 8.90 9.69
N PRO A 297 -18.08 8.60 10.93
CA PRO A 297 -16.73 8.93 11.35
C PRO A 297 -15.62 8.31 10.50
N PRO A 298 -14.37 8.79 10.66
CA PRO A 298 -13.23 8.17 9.98
C PRO A 298 -13.18 6.68 10.34
N LEU A 299 -12.80 5.81 9.39
CA LEU A 299 -12.54 4.38 9.67
C LEU A 299 -11.58 4.28 10.85
N PRO A 300 -11.70 3.22 11.67
CA PRO A 300 -10.70 2.91 12.70
C PRO A 300 -9.30 2.70 12.12
N PRO A 301 -8.24 3.14 12.83
CA PRO A 301 -6.87 3.13 12.29
C PRO A 301 -6.39 1.78 11.77
N GLN A 302 -6.77 0.66 12.40
CA GLN A 302 -6.30 -0.66 11.94
C GLN A 302 -6.87 -0.93 10.53
N ARG A 303 -8.11 -0.50 10.28
CA ARG A 303 -8.73 -0.80 8.96
C ARG A 303 -8.20 0.18 7.91
N ASP A 304 -8.02 1.46 8.23
CA ASP A 304 -7.43 2.39 7.22
C ASP A 304 -6.03 1.94 6.79
N GLN A 305 -5.18 1.59 7.75
CA GLN A 305 -3.79 1.14 7.49
C GLN A 305 -3.78 -0.23 6.82
N LEU A 306 -4.77 -1.11 7.06
CA LEU A 306 -4.88 -2.40 6.31
C LEU A 306 -4.99 -2.09 4.82
N LEU A 307 -5.87 -1.16 4.47
CA LEU A 307 -6.18 -0.83 3.05
C LEU A 307 -4.92 -0.23 2.40
N GLN A 308 -4.15 0.56 3.16
CA GLN A 308 -2.82 1.09 2.72
C GLN A 308 -1.86 -0.08 2.46
N HIS A 309 -2.07 -1.25 3.07
CA HIS A 309 -1.17 -2.43 2.91
C HIS A 309 -1.81 -3.53 2.04
N MET A 310 -2.81 -3.22 1.21
CA MET A 310 -3.50 -4.20 0.32
C MET A 310 -3.51 -3.67 -1.10
N PRO A 311 -2.34 -3.47 -1.72
CA PRO A 311 -2.26 -2.99 -3.09
C PRO A 311 -2.70 -4.03 -4.14
N GLN A 312 -3.34 -3.56 -5.20
CA GLN A 312 -3.77 -4.39 -6.36
C GLN A 312 -2.56 -4.85 -7.17
N GLY A 313 -2.71 -5.96 -7.88
CA GLY A 313 -1.69 -6.50 -8.80
C GLY A 313 -1.52 -5.62 -10.01
N SER A 314 -0.60 -5.98 -10.90
CA SER A 314 -0.39 -5.21 -12.15
C SER A 314 -0.49 -6.16 -13.33
N VAL A 315 -1.46 -5.90 -14.23
CA VAL A 315 -1.74 -6.81 -15.37
C VAL A 315 -2.27 -5.99 -16.54
N VAL A 316 -1.74 -6.31 -17.70
CA VAL A 316 -2.28 -5.89 -19.01
C VAL A 316 -2.66 -7.17 -19.75
N LYS A 317 -3.94 -7.31 -20.08
CA LYS A 317 -4.49 -8.53 -20.72
C LYS A 317 -4.74 -8.18 -22.18
N PHE A 318 -4.32 -9.05 -23.08
CA PHE A 318 -4.39 -8.82 -24.53
C PHE A 318 -5.00 -10.02 -25.25
N HIS A 319 -5.61 -9.72 -26.39
CA HIS A 319 -6.09 -10.67 -27.43
C HIS A 319 -5.52 -10.21 -28.78
N VAL A 320 -4.65 -11.02 -29.38
CA VAL A 320 -4.16 -10.84 -30.79
C VAL A 320 -5.13 -11.57 -31.73
N ILE A 321 -5.72 -10.85 -32.68
CA ILE A 321 -6.77 -11.35 -33.61
C ILE A 321 -6.11 -11.71 -34.95
N TYR A 322 -6.37 -12.89 -35.48
CA TYR A 322 -5.99 -13.34 -36.84
C TYR A 322 -7.27 -13.80 -37.54
N ASP A 323 -7.25 -13.88 -38.88
CA ASP A 323 -8.41 -14.37 -39.66
C ASP A 323 -8.72 -15.80 -39.20
N GLU A 324 -7.69 -16.63 -39.06
CA GLU A 324 -7.84 -18.06 -38.73
C GLU A 324 -6.86 -18.40 -37.64
N PRO A 325 -7.12 -19.48 -36.89
CA PRO A 325 -6.15 -20.01 -35.94
C PRO A 325 -5.09 -20.85 -36.68
N TRP A 326 -4.24 -20.15 -37.44
CA TRP A 326 -3.25 -20.72 -38.40
C TRP A 326 -2.31 -21.68 -37.66
N TRP A 327 -2.17 -21.57 -36.34
CA TRP A 327 -1.17 -22.38 -35.57
C TRP A 327 -1.61 -23.84 -35.41
N ARG A 328 -2.91 -24.09 -35.27
CA ARG A 328 -3.51 -25.46 -35.20
C ARG A 328 -3.08 -26.26 -36.45
N ALA A 329 -3.16 -25.68 -37.65
CA ALA A 329 -2.72 -26.33 -38.91
C ALA A 329 -1.28 -26.84 -38.79
N GLU A 330 -0.47 -26.31 -37.86
CA GLU A 330 0.93 -26.78 -37.63
C GLU A 330 1.01 -27.75 -36.44
N GLY A 331 -0.10 -28.13 -35.82
CA GLY A 331 -0.12 -28.99 -34.61
C GLY A 331 0.30 -28.26 -33.34
N LEU A 332 0.31 -26.92 -33.33
CA LEU A 332 0.61 -26.15 -32.09
C LEU A 332 -0.69 -25.92 -31.31
N SER A 333 -0.62 -25.89 -29.97
CA SER A 333 -1.76 -25.54 -29.08
C SER A 333 -2.04 -24.03 -29.15
N GLY A 334 -0.99 -23.22 -29.42
CA GLY A 334 -1.00 -21.76 -29.30
C GLY A 334 -0.56 -21.30 -27.92
N THR A 335 -0.15 -22.23 -27.05
CA THR A 335 0.40 -21.89 -25.72
C THR A 335 1.92 -21.84 -25.84
N VAL A 336 2.52 -20.73 -25.40
CA VAL A 336 3.99 -20.57 -25.32
C VAL A 336 4.34 -20.27 -23.86
N LEU A 337 5.41 -20.88 -23.36
CA LEU A 337 6.05 -20.49 -22.07
C LEU A 337 7.48 -20.00 -22.38
N CYS A 338 7.81 -18.79 -21.94
CA CYS A 338 9.05 -18.03 -22.26
C CYS A 338 9.49 -17.33 -20.98
N PRO A 339 10.23 -18.00 -20.08
CA PRO A 339 10.47 -17.44 -18.75
C PRO A 339 11.23 -16.11 -18.75
N ASP A 340 11.88 -15.74 -19.86
CA ASP A 340 12.82 -14.59 -19.95
C ASP A 340 12.22 -13.42 -20.73
N GLU A 341 10.97 -13.55 -21.21
CA GLU A 341 10.33 -12.57 -22.11
C GLU A 341 9.37 -11.72 -21.30
N PRO A 342 8.88 -10.57 -21.81
CA PRO A 342 7.99 -9.71 -21.04
C PRO A 342 6.59 -10.33 -20.82
N ILE A 343 6.11 -11.17 -21.72
CA ILE A 343 4.72 -11.73 -21.62
C ILE A 343 4.80 -13.07 -20.86
N GLY A 344 3.85 -13.34 -19.97
CA GLY A 344 3.67 -14.66 -19.35
C GLY A 344 3.18 -15.70 -20.36
N VAL A 345 2.40 -16.66 -19.90
CA VAL A 345 1.87 -17.80 -20.68
C VAL A 345 0.80 -17.28 -21.66
N THR A 346 0.70 -17.83 -22.88
CA THR A 346 -0.40 -17.55 -23.85
C THR A 346 -1.38 -18.73 -23.92
N PHE A 347 -2.58 -18.49 -24.46
CA PHE A 347 -3.66 -19.49 -24.63
C PHE A 347 -4.29 -19.30 -26.01
N ASP A 348 -4.91 -20.34 -26.55
CA ASP A 348 -5.80 -20.26 -27.73
C ASP A 348 -7.14 -19.72 -27.23
N GLY A 349 -7.47 -18.45 -27.54
CA GLY A 349 -8.75 -17.79 -27.20
C GLY A 349 -9.74 -17.82 -28.36
N THR A 350 -9.52 -18.65 -29.36
CA THR A 350 -10.42 -18.80 -30.53
C THR A 350 -11.76 -19.31 -30.00
N PRO A 351 -12.92 -18.72 -30.35
CA PRO A 351 -14.20 -19.25 -29.91
C PRO A 351 -14.66 -20.53 -30.63
N PRO A 352 -15.76 -21.17 -30.18
CA PRO A 352 -16.15 -22.49 -30.71
C PRO A 352 -16.42 -22.57 -32.22
N ALA A 353 -16.90 -21.51 -32.87
CA ALA A 353 -17.12 -21.41 -34.33
C ALA A 353 -15.79 -21.57 -35.07
N GLY A 354 -14.65 -21.35 -34.40
CA GLY A 354 -13.30 -21.63 -34.92
C GLY A 354 -12.68 -20.43 -35.63
N THR A 355 -13.36 -19.28 -35.68
CA THR A 355 -12.85 -17.99 -36.23
C THR A 355 -13.51 -16.85 -35.47
N PRO A 356 -12.85 -15.69 -35.30
CA PRO A 356 -11.46 -15.48 -35.76
C PRO A 356 -10.41 -16.28 -34.96
N GLY A 357 -9.17 -16.33 -35.44
CA GLY A 357 -8.02 -16.80 -34.64
C GLY A 357 -7.69 -15.78 -33.56
N ILE A 358 -7.54 -16.23 -32.31
CA ILE A 358 -7.19 -15.35 -31.16
C ILE A 358 -6.06 -15.99 -30.36
N VAL A 359 -5.04 -15.19 -30.03
CA VAL A 359 -4.05 -15.54 -28.99
C VAL A 359 -4.25 -14.59 -27.79
N THR A 360 -4.52 -15.17 -26.62
CA THR A 360 -4.75 -14.44 -25.34
C THR A 360 -3.49 -14.53 -24.48
N GLY A 361 -3.11 -13.42 -23.84
CA GLY A 361 -2.04 -13.45 -22.85
C GLY A 361 -2.03 -12.21 -21.99
N PHE A 362 -0.95 -12.05 -21.22
CA PHE A 362 -0.79 -11.10 -20.10
C PHE A 362 0.66 -10.63 -19.99
N PHE A 363 0.80 -9.34 -19.77
CA PHE A 363 1.95 -8.72 -19.08
C PHE A 363 1.62 -8.75 -17.58
N GLU A 364 2.53 -9.20 -16.75
CA GLU A 364 2.34 -9.38 -15.29
C GLU A 364 3.38 -8.58 -14.50
N GLY A 365 3.02 -8.10 -13.32
CA GLY A 365 3.93 -7.43 -12.38
C GLY A 365 4.72 -6.31 -13.08
N PRO A 366 6.07 -6.32 -12.91
CA PRO A 366 6.95 -5.28 -13.46
C PRO A 366 6.78 -5.05 -14.98
N ALA A 367 6.65 -6.11 -15.78
CA ALA A 367 6.50 -5.98 -17.25
C ALA A 367 5.15 -5.31 -17.55
N ALA A 368 4.13 -5.47 -16.70
CA ALA A 368 2.81 -4.82 -16.91
C ALA A 368 2.93 -3.32 -16.66
N VAL A 369 3.68 -2.92 -15.64
CA VAL A 369 3.92 -1.49 -15.34
C VAL A 369 4.75 -0.88 -16.48
N ALA A 370 5.84 -1.51 -16.93
CA ALA A 370 6.62 -0.99 -18.09
C ALA A 370 5.73 -0.93 -19.35
N ALA A 371 4.81 -1.86 -19.56
CA ALA A 371 4.05 -1.88 -20.84
C ALA A 371 2.90 -0.85 -20.78
N GLY A 372 2.36 -0.62 -19.58
CA GLY A 372 1.29 0.36 -19.32
C GLY A 372 1.75 1.76 -19.67
N ALA A 373 3.06 2.02 -19.58
CA ALA A 373 3.66 3.37 -19.78
C ALA A 373 3.85 3.63 -21.28
N ARG A 374 3.74 2.59 -22.11
CA ARG A 374 3.96 2.63 -23.58
C ARG A 374 2.60 2.73 -24.28
N THR A 375 2.56 2.83 -25.62
CA THR A 375 1.31 2.93 -26.42
C THR A 375 0.79 1.53 -26.77
N ARG A 376 -0.44 1.46 -27.26
CA ARG A 376 -1.10 0.26 -27.81
C ARG A 376 -0.19 -0.35 -28.88
N GLU A 377 0.38 0.47 -29.77
CA GLU A 377 1.22 -0.03 -30.91
C GLU A 377 2.56 -0.61 -30.41
N GLU A 378 3.21 0.03 -29.44
CA GLU A 378 4.45 -0.52 -28.82
C GLU A 378 4.11 -1.87 -28.17
N ARG A 379 2.99 -2.00 -27.44
CA ARG A 379 2.66 -3.28 -26.74
C ARG A 379 2.44 -4.37 -27.81
N ARG A 380 1.71 -4.03 -28.87
CA ARG A 380 1.40 -4.95 -30.00
C ARG A 380 2.71 -5.50 -30.59
N ASP A 381 3.67 -4.63 -30.86
CA ASP A 381 5.00 -4.97 -31.44
C ASP A 381 5.71 -5.97 -30.52
N VAL A 382 5.73 -5.75 -29.20
CA VAL A 382 6.42 -6.67 -28.23
C VAL A 382 5.77 -8.07 -28.26
N VAL A 383 4.43 -8.14 -28.23
CA VAL A 383 3.67 -9.43 -28.24
C VAL A 383 3.93 -10.17 -29.57
N VAL A 384 3.79 -9.47 -30.70
CA VAL A 384 3.92 -10.11 -32.04
C VAL A 384 5.36 -10.63 -32.21
N ASP A 385 6.33 -9.97 -31.59
CA ASP A 385 7.75 -10.36 -31.65
C ASP A 385 7.94 -11.68 -30.89
N VAL A 386 7.42 -11.78 -29.68
CA VAL A 386 7.47 -13.05 -28.90
C VAL A 386 6.79 -14.19 -29.69
N LEU A 387 5.65 -13.95 -30.33
CA LEU A 387 4.88 -15.01 -31.00
C LEU A 387 5.58 -15.40 -32.31
N ALA A 388 6.24 -14.46 -32.97
CA ALA A 388 6.99 -14.65 -34.22
C ALA A 388 8.12 -15.67 -33.97
N ARG A 389 8.79 -15.55 -32.84
CA ARG A 389 9.99 -16.38 -32.53
C ARG A 389 9.55 -17.72 -31.91
N THR A 390 8.28 -17.87 -31.53
CA THR A 390 7.77 -19.11 -30.87
C THR A 390 6.78 -19.86 -31.79
N LEU A 391 5.59 -19.30 -32.04
CA LEU A 391 4.56 -19.90 -32.92
C LEU A 391 4.96 -19.79 -34.40
N GLY A 392 5.79 -18.81 -34.77
CA GLY A 392 6.27 -18.63 -36.15
C GLY A 392 5.94 -17.27 -36.75
N GLU A 393 6.57 -17.01 -37.88
CA GLU A 393 6.84 -15.67 -38.45
C GLU A 393 5.51 -15.14 -39.02
N ARG A 394 4.53 -16.03 -39.15
CA ARG A 394 3.18 -15.69 -39.63
C ARG A 394 2.45 -14.83 -38.59
N ALA A 395 2.87 -14.84 -37.32
CA ALA A 395 2.30 -14.00 -36.24
C ALA A 395 2.43 -12.49 -36.52
N ARG A 396 3.35 -12.06 -37.40
CA ARG A 396 3.57 -10.61 -37.67
C ARG A 396 2.46 -10.05 -38.57
N ASP A 397 1.72 -10.90 -39.31
CA ASP A 397 0.54 -10.50 -40.15
C ASP A 397 -0.74 -10.53 -39.29
N VAL A 398 -0.94 -9.52 -38.46
CA VAL A 398 -1.98 -9.50 -37.40
C VAL A 398 -3.15 -8.65 -37.94
N ARG A 399 -4.38 -9.12 -37.82
CA ARG A 399 -5.55 -8.31 -38.24
C ARG A 399 -5.84 -7.25 -37.17
N ASP A 400 -5.79 -7.56 -35.88
CA ASP A 400 -6.06 -6.54 -34.84
C ASP A 400 -5.36 -6.95 -33.54
N TYR A 401 -5.24 -6.01 -32.62
CA TYR A 401 -4.68 -6.21 -31.25
C TYR A 401 -5.52 -5.38 -30.27
N ILE A 402 -6.14 -6.05 -29.30
CA ILE A 402 -7.02 -5.44 -28.26
C ILE A 402 -6.44 -5.74 -26.88
N ASP A 403 -6.18 -4.73 -26.05
CA ASP A 403 -5.71 -4.98 -24.66
C ASP A 403 -6.39 -4.01 -23.68
N ARG A 404 -6.19 -4.26 -22.38
CA ARG A 404 -6.65 -3.38 -21.29
C ARG A 404 -5.64 -3.41 -20.14
N ASP A 405 -5.11 -2.24 -19.77
CA ASP A 405 -4.30 -2.02 -18.55
C ASP A 405 -5.27 -1.72 -17.41
N TRP A 406 -5.59 -2.72 -16.60
CA TRP A 406 -6.56 -2.62 -15.49
C TRP A 406 -5.99 -1.70 -14.39
N SER A 407 -4.70 -1.40 -14.42
CA SER A 407 -4.03 -0.38 -13.56
C SER A 407 -4.51 1.02 -13.94
N ALA A 408 -4.89 1.25 -15.20
CA ALA A 408 -5.29 2.59 -15.72
C ALA A 408 -6.80 2.82 -15.59
N GLU A 409 -7.55 1.85 -15.06
CA GLU A 409 -9.02 1.95 -14.81
C GLU A 409 -9.26 2.66 -13.47
N PRO A 410 -9.79 3.90 -13.45
CA PRO A 410 -10.00 4.59 -12.18
C PRO A 410 -10.84 3.75 -11.21
N TRP A 411 -11.72 2.86 -11.69
CA TRP A 411 -12.69 2.15 -10.80
C TRP A 411 -12.26 0.72 -10.47
N THR A 412 -11.00 0.36 -10.74
CA THR A 412 -10.37 -0.92 -10.33
C THR A 412 -8.99 -0.64 -9.73
N ARG A 413 -8.06 -0.10 -10.53
CA ARG A 413 -6.70 0.34 -10.12
C ARG A 413 -5.83 -0.90 -9.86
N GLY A 414 -5.99 -1.94 -10.70
CA GLY A 414 -5.13 -3.13 -10.76
C GLY A 414 -5.90 -4.45 -10.65
N CYS A 415 -5.56 -5.40 -11.51
CA CYS A 415 -6.05 -6.79 -11.44
C CYS A 415 -4.89 -7.70 -11.02
N TYR A 416 -5.18 -8.96 -10.63
CA TYR A 416 -6.51 -9.53 -10.59
C TYR A 416 -7.19 -9.08 -9.29
N GLY A 417 -6.39 -8.88 -8.26
CA GLY A 417 -6.82 -8.28 -6.99
C GLY A 417 -5.64 -7.97 -6.09
N ALA A 418 -5.93 -7.73 -4.81
CA ALA A 418 -4.99 -7.28 -3.77
C ALA A 418 -4.08 -8.43 -3.37
N HIS A 419 -2.83 -8.09 -3.04
CA HIS A 419 -1.86 -8.96 -2.33
C HIS A 419 -1.40 -8.22 -1.07
N LEU A 420 -0.79 -8.93 -0.12
CA LEU A 420 -0.31 -8.36 1.16
C LEU A 420 1.18 -8.62 1.25
N PRO A 421 1.99 -7.59 1.57
CA PRO A 421 3.43 -7.74 1.65
C PRO A 421 3.75 -8.22 3.08
N PRO A 422 5.00 -8.61 3.37
CA PRO A 422 5.38 -9.03 4.71
C PRO A 422 4.94 -8.06 5.82
N GLY A 423 4.34 -8.60 6.89
CA GLY A 423 4.02 -7.88 8.13
C GLY A 423 2.59 -7.38 8.17
N ALA A 424 1.79 -7.64 7.12
CA ALA A 424 0.43 -7.06 6.94
C ALA A 424 -0.68 -8.00 7.47
N TRP A 425 -0.65 -9.28 7.09
CA TRP A 425 -1.67 -10.26 7.52
C TRP A 425 -1.78 -10.29 9.04
N THR A 426 -0.66 -10.33 9.75
CA THR A 426 -0.68 -10.60 11.21
C THR A 426 -1.01 -9.31 11.98
N VAL A 427 -0.68 -8.13 11.44
CA VAL A 427 -0.74 -6.86 12.20
C VAL A 427 -2.04 -6.11 11.85
N TYR A 428 -2.36 -5.98 10.57
CA TYR A 428 -3.52 -5.23 10.03
C TYR A 428 -4.63 -6.20 9.58
N GLY A 429 -4.30 -7.44 9.22
CA GLY A 429 -5.24 -8.41 8.60
C GLY A 429 -6.52 -8.69 9.39
N PRO A 430 -6.47 -8.75 10.75
CA PRO A 430 -7.66 -9.13 11.52
C PRO A 430 -8.87 -8.20 11.30
N ALA A 431 -8.69 -6.96 10.82
CA ALA A 431 -9.78 -6.03 10.48
C ALA A 431 -10.41 -6.28 9.07
N LEU A 432 -9.97 -7.28 8.29
CA LEU A 432 -10.42 -7.47 6.86
C LEU A 432 -11.96 -7.53 6.76
N ARG A 433 -12.65 -8.30 7.61
CA ARG A 433 -14.10 -8.61 7.49
C ARG A 433 -14.91 -7.96 8.60
N VAL A 434 -14.28 -7.42 9.65
CA VAL A 434 -15.01 -6.92 10.84
C VAL A 434 -15.85 -5.71 10.41
N PRO A 435 -17.20 -5.75 10.56
CA PRO A 435 -18.03 -4.61 10.22
C PRO A 435 -17.66 -3.40 11.10
N VAL A 436 -17.76 -2.19 10.55
CA VAL A 436 -17.53 -0.93 11.30
C VAL A 436 -18.90 -0.28 11.48
N GLY A 437 -19.54 -0.59 12.62
CA GLY A 437 -20.93 -0.21 12.97
C GLY A 437 -21.95 -0.78 11.99
N ARG A 438 -22.54 0.06 11.16
CA ARG A 438 -23.56 -0.30 10.15
C ARG A 438 -22.89 -0.56 8.78
N VAL A 439 -21.56 -0.53 8.69
CA VAL A 439 -20.88 -0.70 7.36
C VAL A 439 -20.23 -2.08 7.33
N HIS A 440 -20.71 -2.93 6.42
CA HIS A 440 -20.22 -4.31 6.21
C HIS A 440 -19.34 -4.31 4.96
N TRP A 441 -18.49 -5.34 4.78
CA TRP A 441 -17.42 -5.42 3.76
C TRP A 441 -17.63 -6.64 2.89
N ALA A 442 -17.46 -6.51 1.59
CA ALA A 442 -17.48 -7.66 0.67
C ALA A 442 -16.47 -7.40 -0.43
N GLY A 443 -16.47 -8.25 -1.45
CA GLY A 443 -15.48 -8.24 -2.55
C GLY A 443 -14.61 -9.47 -2.43
N THR A 444 -14.06 -9.94 -3.55
CA THR A 444 -13.35 -11.24 -3.62
C THR A 444 -12.22 -11.29 -2.60
N GLU A 445 -11.65 -10.14 -2.25
CA GLU A 445 -10.57 -10.05 -1.23
C GLU A 445 -11.06 -10.47 0.16
N THR A 446 -12.36 -10.49 0.46
CA THR A 446 -12.88 -10.96 1.78
C THR A 446 -13.33 -12.44 1.76
N ALA A 447 -13.32 -13.09 0.61
CA ALA A 447 -13.63 -14.53 0.45
C ALA A 447 -12.65 -15.41 1.25
N GLU A 448 -13.14 -16.56 1.71
CA GLU A 448 -12.39 -17.69 2.31
C GLU A 448 -12.02 -18.70 1.22
N ARG A 449 -12.92 -18.96 0.24
CA ARG A 449 -12.66 -19.93 -0.86
C ARG A 449 -12.59 -19.18 -2.19
N TRP A 450 -11.56 -19.50 -2.97
CA TRP A 450 -11.28 -18.88 -4.29
C TRP A 450 -11.18 -17.36 -4.15
N THR A 451 -10.53 -16.89 -3.08
CA THR A 451 -10.20 -15.44 -2.93
C THR A 451 -9.42 -15.04 -4.16
N GLY A 452 -9.84 -13.96 -4.80
CA GLY A 452 -9.16 -13.43 -6.00
C GLY A 452 -9.87 -13.84 -7.29
N TYR A 453 -10.95 -14.61 -7.19
CA TYR A 453 -11.72 -15.12 -8.37
C TYR A 453 -13.19 -14.67 -8.30
N ILE A 454 -13.89 -14.84 -9.42
CA ILE A 454 -15.35 -14.57 -9.55
C ILE A 454 -16.07 -15.38 -8.44
N ASP A 455 -15.73 -16.67 -8.30
CA ASP A 455 -16.30 -17.59 -7.28
C ASP A 455 -16.22 -16.97 -5.89
N GLY A 456 -15.07 -16.39 -5.55
CA GLY A 456 -14.83 -15.70 -4.27
C GLY A 456 -15.64 -14.43 -4.14
N ALA A 457 -15.87 -13.72 -5.24
CA ALA A 457 -16.68 -12.49 -5.22
C ALA A 457 -18.10 -12.85 -4.74
N ILE A 458 -18.63 -13.90 -5.36
CA ILE A 458 -19.97 -14.46 -5.05
C ILE A 458 -20.01 -14.91 -3.57
N GLU A 459 -19.05 -15.68 -3.08
CA GLU A 459 -19.06 -16.07 -1.65
C GLU A 459 -19.13 -14.83 -0.76
N SER A 460 -18.35 -13.80 -1.04
CA SER A 460 -18.26 -12.58 -0.19
C SER A 460 -19.64 -11.90 -0.13
N GLY A 461 -20.35 -11.85 -1.26
CA GLY A 461 -21.69 -11.23 -1.36
C GLY A 461 -22.73 -12.01 -0.56
N GLN A 462 -22.77 -13.34 -0.72
CA GLN A 462 -23.61 -14.25 0.11
C GLN A 462 -23.34 -13.99 1.60
N ARG A 463 -22.06 -13.98 2.06
CA ARG A 463 -21.75 -13.82 3.50
C ARG A 463 -22.18 -12.41 3.95
N ALA A 464 -21.90 -11.37 3.15
CA ALA A 464 -22.22 -9.96 3.48
C ALA A 464 -23.74 -9.77 3.63
N ALA A 465 -24.54 -10.32 2.71
CA ALA A 465 -26.02 -10.31 2.77
C ALA A 465 -26.54 -11.03 4.02
N ALA A 466 -26.08 -12.25 4.30
CA ALA A 466 -26.42 -12.96 5.57
C ALA A 466 -26.14 -12.04 6.79
N GLU A 467 -24.93 -11.48 6.93
CA GLU A 467 -24.53 -10.63 8.09
C GLU A 467 -25.50 -9.47 8.25
N VAL A 468 -25.84 -8.80 7.16
CA VAL A 468 -26.66 -7.55 7.21
C VAL A 468 -28.12 -7.90 7.55
N LEU A 469 -28.68 -8.96 6.96
CA LEU A 469 -30.07 -9.41 7.29
C LEU A 469 -30.18 -9.76 8.78
N ALA A 470 -29.19 -10.44 9.39
CA ALA A 470 -29.14 -10.71 10.85
C ALA A 470 -29.08 -9.41 11.68
N ALA A 471 -28.34 -8.39 11.24
CA ALA A 471 -28.07 -7.15 12.01
C ALA A 471 -29.25 -6.16 11.95
N LEU A 472 -30.14 -6.29 10.96
CA LEU A 472 -31.37 -5.45 10.81
C LEU A 472 -32.35 -5.74 11.94
N GLY A 473 -32.57 -7.02 12.27
CA GLY A 473 -33.56 -7.50 13.27
C GLY A 473 -33.16 -7.14 14.71
N GLN B 26 -9.90 33.32 -9.69
CA GLN B 26 -8.70 33.19 -10.53
C GLN B 26 -7.43 33.47 -9.70
N VAL B 27 -6.46 32.54 -9.70
CA VAL B 27 -5.10 32.72 -9.10
C VAL B 27 -4.11 31.95 -9.97
N ASP B 28 -2.80 32.15 -9.77
CA ASP B 28 -1.73 31.49 -10.56
C ASP B 28 -1.47 30.09 -10.03
N VAL B 29 -1.32 29.94 -8.71
CA VAL B 29 -0.92 28.65 -8.08
C VAL B 29 -1.86 28.37 -6.91
N VAL B 30 -2.47 27.16 -6.90
CA VAL B 30 -3.12 26.57 -5.72
C VAL B 30 -2.21 25.46 -5.15
N VAL B 31 -1.92 25.59 -3.85
CA VAL B 31 -1.16 24.63 -3.02
C VAL B 31 -2.17 23.89 -2.12
N VAL B 32 -2.12 22.56 -2.13
CA VAL B 32 -3.00 21.69 -1.30
C VAL B 32 -2.17 21.21 -0.10
N GLY B 33 -2.48 21.64 1.12
CA GLY B 33 -1.79 21.26 2.36
C GLY B 33 -0.94 22.39 2.91
N ALA B 34 -1.19 22.81 4.16
CA ALA B 34 -0.43 23.85 4.88
C ALA B 34 0.53 23.19 5.88
N GLY B 35 1.24 22.15 5.43
CA GLY B 35 2.39 21.59 6.16
C GLY B 35 3.59 22.47 5.93
N PHE B 36 4.76 22.05 6.39
CA PHE B 36 6.02 22.80 6.12
C PHE B 36 6.27 22.80 4.61
N ALA B 37 5.90 21.74 3.89
CA ALA B 37 6.09 21.65 2.42
C ALA B 37 5.19 22.67 1.71
N GLY B 38 3.88 22.59 1.96
CA GLY B 38 2.87 23.47 1.36
C GLY B 38 3.20 24.93 1.59
N LEU B 39 3.59 25.27 2.81
CA LEU B 39 3.81 26.67 3.26
C LEU B 39 5.06 27.22 2.58
N THR B 40 6.12 26.42 2.54
CA THR B 40 7.40 26.75 1.89
C THR B 40 7.11 27.12 0.44
N ALA B 41 6.42 26.24 -0.30
CA ALA B 41 6.10 26.43 -1.72
C ALA B 41 5.29 27.71 -1.88
N ALA B 42 4.27 27.95 -1.07
CA ALA B 42 3.35 29.09 -1.27
C ALA B 42 4.11 30.39 -1.06
N ARG B 43 4.98 30.42 -0.05
CA ARG B 43 5.80 31.60 0.29
C ARG B 43 6.77 31.92 -0.86
N ALA B 44 7.46 30.93 -1.44
CA ALA B 44 8.35 31.18 -2.60
C ALA B 44 7.54 31.85 -3.72
N VAL B 45 6.31 31.37 -3.96
CA VAL B 45 5.44 31.80 -5.09
C VAL B 45 4.93 33.24 -4.86
N HIS B 46 4.52 33.60 -3.63
CA HIS B 46 4.05 34.96 -3.23
C HIS B 46 5.16 36.01 -3.34
N GLU B 47 6.43 35.60 -3.16
CA GLU B 47 7.64 36.46 -3.16
C GLU B 47 8.10 36.78 -4.59
N ALA B 48 7.80 35.90 -5.55
CA ALA B 48 7.93 36.19 -7.01
C ALA B 48 6.69 36.96 -7.50
N GLY B 49 5.77 37.34 -6.59
CA GLY B 49 4.65 38.30 -6.82
C GLY B 49 3.44 37.66 -7.51
N ARG B 50 3.38 36.32 -7.55
CA ARG B 50 2.29 35.51 -8.18
C ARG B 50 1.18 35.31 -7.15
N SER B 51 -0.06 35.21 -7.59
CA SER B 51 -1.18 34.96 -6.65
C SER B 51 -1.14 33.46 -6.26
N VAL B 52 -1.49 33.18 -5.00
CA VAL B 52 -1.41 31.81 -4.43
C VAL B 52 -2.58 31.65 -3.47
N LEU B 53 -3.29 30.52 -3.55
CA LEU B 53 -4.19 30.03 -2.49
C LEU B 53 -3.58 28.76 -1.86
N VAL B 54 -3.62 28.68 -0.54
CA VAL B 54 -3.28 27.47 0.23
C VAL B 54 -4.58 26.92 0.82
N LEU B 55 -5.03 25.77 0.31
CA LEU B 55 -6.19 25.01 0.84
C LEU B 55 -5.70 23.93 1.84
N GLU B 56 -6.07 24.08 3.11
CA GLU B 56 -5.68 23.18 4.22
C GLU B 56 -6.97 22.55 4.80
N ALA B 57 -7.03 21.21 4.89
CA ALA B 57 -8.19 20.48 5.45
C ALA B 57 -8.45 20.85 6.93
N ARG B 58 -7.42 21.05 7.72
CA ARG B 58 -7.53 21.19 9.20
C ARG B 58 -7.84 22.64 9.62
N ASP B 59 -8.29 22.83 10.87
CA ASP B 59 -8.51 24.19 11.45
C ASP B 59 -7.17 24.83 11.85
N ARG B 60 -6.03 24.39 11.30
CA ARG B 60 -4.68 24.85 11.72
C ARG B 60 -3.65 24.49 10.64
N VAL B 61 -2.47 25.08 10.73
CA VAL B 61 -1.27 24.77 9.89
C VAL B 61 -0.37 23.85 10.72
N GLY B 62 0.67 23.27 10.11
CA GLY B 62 1.71 22.46 10.78
C GLY B 62 1.68 20.99 10.37
N GLY B 63 0.48 20.47 10.07
CA GLY B 63 0.26 19.09 9.61
C GLY B 63 0.77 18.04 10.59
N ARG B 64 1.83 17.34 10.21
CA ARG B 64 2.47 16.32 11.09
C ARG B 64 3.30 17.00 12.19
N THR B 65 3.35 18.34 12.25
CA THR B 65 3.78 19.07 13.47
C THR B 65 2.54 19.65 14.13
N CYS B 66 2.43 19.44 15.44
CA CYS B 66 1.26 19.83 16.23
C CYS B 66 1.75 20.13 17.66
N THR B 67 1.42 21.31 18.17
CA THR B 67 1.84 21.80 19.51
C THR B 67 0.62 22.21 20.33
N GLU B 68 0.48 21.69 21.54
CA GLU B 68 -0.59 22.09 22.50
C GLU B 68 0.07 22.61 23.78
N GLU B 69 -0.59 23.55 24.47
CA GLU B 69 -0.16 24.18 25.73
C GLU B 69 -0.83 23.43 26.89
N HIS B 70 -0.06 22.72 27.72
CA HIS B 70 -0.53 21.94 28.90
C HIS B 70 0.42 22.22 30.06
N HIS B 71 -0.10 22.28 31.29
CA HIS B 71 0.69 22.51 32.52
C HIS B 71 1.74 23.61 32.29
N GLY B 72 1.32 24.73 31.69
CA GLY B 72 2.14 25.93 31.47
C GLY B 72 3.35 25.70 30.56
N THR B 73 3.32 24.71 29.67
CA THR B 73 4.44 24.48 28.73
C THR B 73 3.89 23.93 27.41
N TRP B 74 4.77 23.71 26.45
CA TRP B 74 4.37 23.29 25.09
C TRP B 74 4.50 21.77 25.01
N ILE B 75 3.53 21.15 24.38
CA ILE B 75 3.54 19.68 24.15
C ILE B 75 3.57 19.43 22.64
N ASP B 76 4.72 19.02 22.11
CA ASP B 76 4.85 18.62 20.69
C ASP B 76 4.25 17.21 20.53
N LEU B 77 3.07 17.09 19.92
CA LEU B 77 2.40 15.81 19.66
C LEU B 77 2.93 15.18 18.36
N GLY B 78 3.53 15.97 17.48
CA GLY B 78 4.18 15.50 16.23
C GLY B 78 5.65 15.81 16.23
N GLY B 79 6.24 16.07 15.06
CA GLY B 79 7.66 16.47 14.90
C GLY B 79 8.13 17.50 15.91
N GLN B 80 9.33 17.32 16.49
CA GLN B 80 9.81 18.13 17.63
C GLN B 80 11.33 18.41 17.61
N TRP B 81 12.14 17.53 16.99
CA TRP B 81 13.63 17.59 16.98
C TRP B 81 14.18 18.11 15.65
N ILE B 82 15.24 18.93 15.70
CA ILE B 82 16.14 19.26 14.53
C ILE B 82 17.58 18.97 14.96
N GLY B 83 18.47 18.72 14.00
CA GLY B 83 19.85 18.28 14.26
C GLY B 83 20.83 18.84 13.24
N PRO B 84 22.16 18.68 13.44
CA PRO B 84 23.15 19.04 12.43
C PRO B 84 22.98 18.37 11.05
N GLY B 85 23.20 19.14 9.99
CA GLY B 85 23.02 18.68 8.59
C GLY B 85 21.64 19.06 8.09
N GLN B 86 20.76 19.53 8.97
CA GLN B 86 19.38 19.97 8.66
C GLN B 86 19.42 21.50 8.50
N ASP B 87 20.02 21.96 7.40
CA ASP B 87 20.39 23.38 7.17
C ASP B 87 19.13 24.21 6.91
N ARG B 88 18.09 23.65 6.30
CA ARG B 88 16.92 24.44 5.84
C ARG B 88 16.04 24.81 7.03
N VAL B 89 15.80 23.87 7.96
CA VAL B 89 14.90 24.12 9.13
C VAL B 89 15.67 25.00 10.15
N ALA B 90 16.98 24.85 10.28
CA ALA B 90 17.84 25.75 11.09
C ALA B 90 17.82 27.17 10.48
N ALA B 91 17.96 27.31 9.15
CA ALA B 91 17.88 28.61 8.47
C ALA B 91 16.51 29.24 8.76
N LEU B 92 15.43 28.46 8.66
CA LEU B 92 14.05 28.96 8.77
C LEU B 92 13.78 29.43 10.21
N ALA B 93 14.34 28.74 11.20
CA ALA B 93 14.11 29.01 12.65
C ALA B 93 14.81 30.33 13.04
N ALA B 94 16.04 30.52 12.56
CA ALA B 94 16.85 31.76 12.73
C ALA B 94 16.13 32.95 12.07
N GLU B 95 15.77 32.82 10.80
CA GLU B 95 15.05 33.88 10.05
C GLU B 95 13.75 34.29 10.76
N LEU B 96 12.96 33.37 11.33
CA LEU B 96 11.63 33.72 11.92
C LEU B 96 11.74 33.99 13.42
N GLY B 97 12.95 33.97 14.01
CA GLY B 97 13.21 34.41 15.40
C GLY B 97 12.90 33.36 16.47
N VAL B 98 12.85 32.07 16.10
CA VAL B 98 12.63 30.94 17.06
C VAL B 98 13.99 30.38 17.49
N GLU B 99 14.27 30.41 18.80
CA GLU B 99 15.50 29.83 19.40
C GLU B 99 15.32 28.32 19.65
N THR B 100 16.44 27.62 19.73
CA THR B 100 16.55 26.19 20.03
C THR B 100 17.03 25.97 21.45
N TYR B 101 16.66 24.85 22.09
CA TYR B 101 17.33 24.33 23.31
C TYR B 101 17.78 22.88 23.04
N PRO B 102 18.87 22.40 23.68
CA PRO B 102 19.37 21.05 23.41
C PRO B 102 18.51 20.01 24.16
N GLN B 103 18.37 18.84 23.56
CA GLN B 103 17.79 17.62 24.18
C GLN B 103 18.71 17.22 25.34
N PRO B 104 18.23 17.22 26.62
CA PRO B 104 19.02 16.69 27.74
C PRO B 104 19.69 15.35 27.33
N THR B 105 20.97 15.20 27.67
CA THR B 105 21.87 14.11 27.20
C THR B 105 22.52 13.40 28.37
N GLU B 106 22.46 13.99 29.56
CA GLU B 106 23.37 13.71 30.70
C GLU B 106 22.75 12.64 31.60
N GLY B 107 23.58 11.74 32.14
CA GLY B 107 23.16 10.73 33.11
C GLY B 107 22.90 9.39 32.45
N ASP B 108 22.57 8.38 33.24
CA ASP B 108 22.55 6.96 32.84
C ASP B 108 21.28 6.65 32.03
N ASP B 109 21.46 5.98 30.89
CA ASP B 109 20.42 5.29 30.10
C ASP B 109 20.20 3.91 30.77
N VAL B 110 18.96 3.40 30.74
CA VAL B 110 18.63 2.01 31.16
C VAL B 110 18.31 1.16 29.92
N VAL B 111 18.95 0.01 29.79
CA VAL B 111 18.64 -1.03 28.78
C VAL B 111 18.11 -2.27 29.51
N LEU B 112 17.00 -2.82 29.03
CA LEU B 112 16.40 -4.07 29.54
C LEU B 112 16.16 -5.05 28.39
N PHE B 113 16.92 -6.14 28.30
CA PHE B 113 16.78 -7.18 27.25
C PHE B 113 15.71 -8.17 27.69
N GLY B 114 15.32 -9.08 26.80
CA GLY B 114 14.28 -10.10 27.03
C GLY B 114 14.50 -10.88 28.32
N ASP B 115 15.77 -11.03 28.72
CA ASP B 115 16.21 -11.74 29.96
C ASP B 115 17.20 -10.86 30.73
N GLY B 116 17.33 -11.09 32.04
CA GLY B 116 18.25 -10.35 32.93
C GLY B 116 17.60 -9.07 33.47
N GLU B 117 18.34 -8.36 34.32
CA GLU B 117 17.84 -7.14 35.02
C GLU B 117 18.05 -5.91 34.14
N PRO B 118 17.35 -4.79 34.40
CA PRO B 118 17.69 -3.51 33.77
C PRO B 118 19.14 -3.07 34.09
N GLN B 119 19.91 -2.68 33.06
CA GLN B 119 21.32 -2.22 33.16
C GLN B 119 21.41 -0.69 33.06
N ARG B 120 22.15 -0.04 33.97
CA ARG B 120 22.48 1.41 33.92
C ARG B 120 23.86 1.62 33.33
N ALA B 121 24.00 2.55 32.38
CA ALA B 121 25.30 2.96 31.82
C ALA B 121 25.16 4.35 31.21
N PRO B 122 26.22 5.18 31.24
CA PRO B 122 26.14 6.53 30.66
C PRO B 122 25.93 6.45 29.13
N ASP B 123 26.20 5.30 28.51
CA ASP B 123 25.92 5.08 27.06
C ASP B 123 25.25 3.71 26.85
N VAL B 124 24.23 3.68 25.99
CA VAL B 124 23.51 2.46 25.52
C VAL B 124 24.55 1.43 25.08
N ALA B 125 25.57 1.84 24.33
CA ALA B 125 26.67 0.98 23.82
C ALA B 125 27.28 0.13 24.94
N LEU B 126 27.49 0.68 26.15
CA LEU B 126 28.25 -0.02 27.24
C LEU B 126 27.44 -1.21 27.79
N ALA B 127 26.12 -1.26 27.58
CA ALA B 127 25.25 -2.41 27.93
C ALA B 127 25.64 -3.67 27.13
N PHE B 128 26.23 -3.54 25.93
CA PHE B 128 26.66 -4.69 25.09
C PHE B 128 28.02 -5.23 25.56
N SER B 129 28.29 -6.51 25.27
CA SER B 129 29.62 -7.15 25.47
C SER B 129 30.60 -6.65 24.39
N ASP B 130 31.88 -7.02 24.55
CA ASP B 130 32.98 -6.78 23.58
C ASP B 130 32.56 -7.28 22.19
N GLU B 131 32.23 -8.56 22.05
CA GLU B 131 31.91 -9.22 20.75
C GLU B 131 30.66 -8.55 20.15
N GLU B 132 29.71 -8.21 21.00
CA GLU B 132 28.37 -7.69 20.60
C GLU B 132 28.52 -6.27 20.05
N LEU B 133 29.25 -5.40 20.74
CA LEU B 133 29.49 -4.02 20.24
C LEU B 133 30.24 -4.08 18.90
N THR B 134 31.20 -5.00 18.72
CA THR B 134 31.97 -5.14 17.45
C THR B 134 31.00 -5.53 16.33
N ALA B 135 30.10 -6.49 16.58
CA ALA B 135 29.04 -6.94 15.63
C ALA B 135 28.11 -5.77 15.27
N TYR B 136 27.71 -4.94 16.23
CA TYR B 136 26.75 -3.83 16.01
C TYR B 136 27.38 -2.75 15.14
N LEU B 137 28.68 -2.51 15.27
CA LEU B 137 29.40 -1.48 14.47
C LEU B 137 29.70 -2.03 13.07
N GLU B 138 30.02 -3.33 12.95
CA GLU B 138 30.13 -4.02 11.65
C GLU B 138 28.82 -3.83 10.86
N LEU B 139 27.68 -4.23 11.46
CA LEU B 139 26.30 -4.16 10.88
C LEU B 139 25.98 -2.72 10.43
N ALA B 140 26.18 -1.74 11.31
CA ALA B 140 25.91 -0.31 11.03
C ALA B 140 26.78 0.17 9.84
N GLY B 141 28.06 -0.22 9.80
CA GLY B 141 29.01 0.11 8.72
C GLY B 141 28.63 -0.58 7.41
N ALA B 142 28.24 -1.85 7.46
CA ALA B 142 27.83 -2.63 6.27
C ALA B 142 26.62 -1.97 5.63
N LEU B 143 25.70 -1.43 6.45
CA LEU B 143 24.44 -0.78 5.97
C LEU B 143 24.74 0.59 5.33
N GLU B 144 25.61 1.42 5.91
CA GLU B 144 26.02 2.73 5.35
C GLU B 144 26.74 2.53 4.00
N ALA B 145 27.46 1.43 3.85
CA ALA B 145 28.20 1.13 2.62
C ALA B 145 27.18 0.92 1.48
N ILE B 146 26.11 0.19 1.74
CA ILE B 146 25.00 0.01 0.76
C ILE B 146 24.35 1.37 0.52
N ALA B 147 24.08 2.12 1.60
CA ALA B 147 23.41 3.44 1.54
C ALA B 147 24.14 4.37 0.57
N GLU B 148 25.48 4.40 0.62
CA GLU B 148 26.30 5.38 -0.16
C GLU B 148 26.21 5.07 -1.65
N LYS B 149 25.88 3.83 -2.04
CA LYS B 149 25.69 3.45 -3.47
C LYS B 149 24.27 3.80 -4.00
N VAL B 150 23.35 4.30 -3.17
CA VAL B 150 21.94 4.53 -3.58
C VAL B 150 21.72 6.02 -3.87
N PRO B 151 21.52 6.43 -5.15
CA PRO B 151 21.37 7.84 -5.49
C PRO B 151 20.11 8.45 -4.86
N LEU B 152 20.24 9.61 -4.23
CA LEU B 152 19.14 10.25 -3.46
C LEU B 152 17.97 10.65 -4.38
N ASP B 153 18.22 10.93 -5.66
CA ASP B 153 17.19 11.44 -6.61
C ASP B 153 16.58 10.28 -7.41
N ALA B 154 17.16 9.09 -7.32
CA ALA B 154 16.83 7.94 -8.20
C ALA B 154 17.33 6.66 -7.54
N PRO B 155 16.75 6.23 -6.39
CA PRO B 155 17.19 5.04 -5.68
C PRO B 155 17.14 3.81 -6.58
N TRP B 156 16.27 3.83 -7.59
CA TRP B 156 16.09 2.69 -8.54
C TRP B 156 17.22 2.61 -9.57
N LEU B 157 18.13 3.60 -9.62
CA LEU B 157 19.30 3.60 -10.55
C LEU B 157 20.58 3.12 -9.84
N ALA B 158 20.50 2.77 -8.56
CA ALA B 158 21.59 2.08 -7.82
C ALA B 158 21.99 0.85 -8.63
N PRO B 159 23.30 0.51 -8.71
CA PRO B 159 23.76 -0.57 -9.59
C PRO B 159 23.18 -1.96 -9.28
N GLU B 160 22.87 -2.24 -8.00
CA GLU B 160 22.30 -3.51 -7.49
C GLU B 160 20.85 -3.29 -7.03
N ALA B 161 20.19 -2.27 -7.55
CA ALA B 161 18.82 -1.86 -7.18
C ALA B 161 17.85 -3.07 -7.22
N ALA B 162 17.97 -3.94 -8.23
CA ALA B 162 17.06 -5.07 -8.51
C ALA B 162 17.10 -6.11 -7.37
N ALA B 163 18.29 -6.48 -6.91
CA ALA B 163 18.52 -7.45 -5.80
C ALA B 163 18.19 -6.81 -4.44
N TRP B 164 18.56 -5.54 -4.24
CA TRP B 164 18.33 -4.79 -2.97
C TRP B 164 16.84 -4.49 -2.76
N ASP B 165 16.08 -4.20 -3.82
CA ASP B 165 14.63 -3.99 -3.77
C ASP B 165 13.89 -5.32 -3.58
N ALA B 166 14.51 -6.47 -3.91
CA ALA B 166 13.90 -7.84 -3.84
C ALA B 166 14.09 -8.46 -2.45
N THR B 167 14.72 -7.75 -1.50
CA THR B 167 15.12 -8.23 -0.15
C THR B 167 14.49 -7.33 0.91
N THR B 168 14.02 -7.90 2.02
CA THR B 168 13.61 -7.11 3.21
C THR B 168 14.87 -6.69 3.98
N LEU B 169 14.77 -5.65 4.82
CA LEU B 169 15.87 -5.27 5.75
C LEU B 169 16.10 -6.42 6.72
N ARG B 170 15.07 -7.17 7.10
CA ARG B 170 15.15 -8.22 8.14
C ARG B 170 15.95 -9.41 7.64
N GLU B 171 15.78 -9.77 6.36
CA GLU B 171 16.50 -10.88 5.69
C GLU B 171 17.99 -10.54 5.53
N TRP B 172 18.30 -9.31 5.16
CA TRP B 172 19.70 -8.81 5.12
C TRP B 172 20.32 -8.93 6.52
N VAL B 173 19.67 -8.43 7.59
CA VAL B 173 20.18 -8.53 8.99
C VAL B 173 20.42 -10.00 9.35
N ALA B 174 19.48 -10.90 9.06
CA ALA B 174 19.67 -12.36 9.29
C ALA B 174 20.92 -12.85 8.53
N GLY B 175 21.19 -12.32 7.34
CA GLY B 175 22.28 -12.79 6.47
C GLY B 175 23.66 -12.48 7.00
N THR B 176 23.81 -11.53 7.95
CA THR B 176 25.11 -10.99 8.42
C THR B 176 25.69 -11.82 9.58
N GLY B 177 24.88 -12.73 10.15
CA GLY B 177 25.32 -13.73 11.15
C GLY B 177 25.45 -13.14 12.54
N VAL B 178 24.63 -12.13 12.83
CA VAL B 178 24.74 -11.25 14.03
C VAL B 178 23.98 -11.90 15.18
N PRO B 179 24.48 -11.87 16.43
CA PRO B 179 23.75 -12.44 17.56
C PRO B 179 22.40 -11.76 17.86
N ASP B 180 21.53 -12.45 18.59
CA ASP B 180 20.13 -12.06 18.86
C ASP B 180 20.09 -10.70 19.59
N ARG B 181 20.93 -10.52 20.60
CA ARG B 181 20.95 -9.28 21.40
C ARG B 181 21.32 -8.08 20.53
N VAL B 182 22.09 -8.28 19.46
CA VAL B 182 22.44 -7.19 18.51
C VAL B 182 21.24 -6.93 17.59
N ALA B 183 20.64 -7.99 17.04
CA ALA B 183 19.45 -7.88 16.15
C ALA B 183 18.32 -7.21 16.95
N GLY B 184 18.21 -7.53 18.24
CA GLY B 184 17.22 -6.95 19.15
C GLY B 184 17.33 -5.43 19.21
N LEU B 185 18.51 -4.90 19.55
CA LEU B 185 18.70 -3.45 19.79
C LEU B 185 18.67 -2.71 18.46
N PHE B 186 19.16 -3.34 17.39
CA PHE B 186 19.11 -2.80 16.01
C PHE B 186 17.63 -2.58 15.63
N GLU B 187 16.77 -3.60 15.85
CA GLU B 187 15.31 -3.55 15.54
C GLU B 187 14.63 -2.43 16.35
N VAL B 188 14.94 -2.25 17.64
CA VAL B 188 14.45 -1.06 18.41
C VAL B 188 14.79 0.23 17.63
N ALA B 189 16.02 0.38 17.15
CA ALA B 189 16.46 1.62 16.43
C ALA B 189 15.70 1.74 15.10
N VAL B 190 15.59 0.64 14.35
CA VAL B 190 14.81 0.60 13.09
C VAL B 190 13.37 1.03 13.32
N GLN B 191 12.69 0.43 14.28
CA GLN B 191 11.30 0.84 14.58
C GLN B 191 11.25 2.30 15.10
N ALA B 192 12.25 2.76 15.85
CA ALA B 192 12.27 4.17 16.32
C ALA B 192 12.35 5.11 15.11
N VAL B 193 13.08 4.72 14.05
CA VAL B 193 13.36 5.60 12.87
C VAL B 193 12.24 5.49 11.82
N PHE B 194 11.75 4.29 11.50
CA PHE B 194 10.87 4.02 10.33
C PHE B 194 9.41 3.80 10.74
N ALA B 195 9.11 3.62 12.03
CA ALA B 195 7.74 3.40 12.53
C ALA B 195 7.15 2.16 11.84
N ALA B 196 8.03 1.20 11.53
CA ALA B 196 7.76 -0.07 10.84
C ALA B 196 8.85 -1.08 11.27
N THR B 197 8.58 -2.38 11.11
CA THR B 197 9.53 -3.47 11.42
C THR B 197 10.49 -3.63 10.25
N SER B 198 11.68 -4.19 10.51
CA SER B 198 12.68 -4.55 9.49
C SER B 198 12.02 -5.45 8.42
N ALA B 199 10.97 -6.23 8.75
CA ALA B 199 10.27 -7.14 7.81
C ALA B 199 9.43 -6.35 6.80
N GLN B 200 8.92 -5.17 7.17
CA GLN B 200 8.04 -4.40 6.26
C GLN B 200 8.87 -3.63 5.22
N LEU B 201 10.13 -3.29 5.49
CA LEU B 201 10.94 -2.37 4.63
C LEU B 201 11.77 -3.19 3.63
N SER B 202 11.84 -2.75 2.38
CA SER B 202 12.88 -3.25 1.43
C SER B 202 14.25 -2.72 1.89
N LEU B 203 15.33 -3.45 1.55
CA LEU B 203 16.72 -3.07 1.92
C LEU B 203 17.05 -1.74 1.25
N LEU B 204 16.66 -1.63 -0.01
CA LEU B 204 16.86 -0.40 -0.82
C LEU B 204 16.16 0.81 -0.17
N HIS B 205 14.95 0.66 0.35
CA HIS B 205 14.26 1.80 1.00
C HIS B 205 15.08 2.26 2.23
N ALA B 206 15.52 1.32 3.06
CA ALA B 206 16.30 1.57 4.31
C ALA B 206 17.65 2.23 3.96
N ALA B 207 18.38 1.66 3.01
CA ALA B 207 19.63 2.22 2.44
C ALA B 207 19.42 3.66 1.99
N HIS B 208 18.44 3.92 1.12
CA HIS B 208 18.16 5.29 0.60
C HIS B 208 17.91 6.25 1.75
N TYR B 209 17.17 5.81 2.79
CA TYR B 209 16.76 6.68 3.93
C TYR B 209 18.01 7.06 4.72
N VAL B 210 18.90 6.09 4.92
CA VAL B 210 20.17 6.27 5.66
C VAL B 210 21.01 7.30 4.90
N HIS B 211 21.10 7.13 3.58
CA HIS B 211 21.92 7.99 2.70
C HIS B 211 21.35 9.42 2.75
N SER B 212 20.04 9.54 2.75
CA SER B 212 19.33 10.85 2.77
C SER B 212 19.61 11.60 4.08
N ALA B 213 19.89 10.91 5.17
CA ALA B 213 20.16 11.52 6.50
C ALA B 213 21.67 11.84 6.66
N GLY B 214 22.53 11.21 5.86
CA GLY B 214 24.01 11.29 5.96
C GLY B 214 24.59 10.18 6.85
N GLY B 215 23.92 9.03 6.99
CA GLY B 215 24.45 7.88 7.73
C GLY B 215 23.60 7.48 8.94
N TRP B 216 23.95 6.35 9.54
CA TRP B 216 23.27 5.67 10.66
C TRP B 216 23.41 6.47 11.96
N SER B 217 24.59 7.03 12.22
CA SER B 217 24.87 7.87 13.42
C SER B 217 23.97 9.10 13.40
N LYS B 218 23.80 9.69 12.21
CA LYS B 218 22.95 10.89 12.03
C LYS B 218 21.48 10.58 12.41
N LEU B 219 20.99 9.35 12.14
CA LEU B 219 19.60 8.92 12.43
C LEU B 219 19.38 8.61 13.92
N THR B 220 20.35 7.95 14.59
CA THR B 220 20.21 7.34 15.94
C THR B 220 20.76 8.27 17.03
N ASP B 221 21.74 9.11 16.72
CA ASP B 221 22.44 9.93 17.77
C ASP B 221 21.58 11.12 18.22
N THR B 222 21.71 11.44 19.51
CA THR B 222 21.25 12.72 20.09
C THR B 222 22.30 13.79 19.71
N GLU B 223 23.37 13.91 20.50
CA GLU B 223 24.53 14.81 20.23
C GLU B 223 25.15 14.41 18.89
N GLY B 224 25.18 15.38 17.96
CA GLY B 224 25.71 15.23 16.59
C GLY B 224 24.75 14.55 15.63
N GLY B 225 23.45 14.41 16.00
CA GLY B 225 22.44 13.65 15.24
C GLY B 225 21.07 14.30 15.23
N ALA B 226 20.06 13.64 14.64
CA ALA B 226 18.71 14.18 14.37
C ALA B 226 17.98 14.56 15.67
N GLN B 227 18.35 14.00 16.81
CA GLN B 227 17.62 14.26 18.07
C GLN B 227 18.35 15.31 18.95
N GLN B 228 19.24 16.12 18.37
CA GLN B 228 20.12 17.04 19.16
C GLN B 228 19.35 18.19 19.85
N ASP B 229 18.40 18.83 19.17
CA ASP B 229 17.80 20.12 19.60
C ASP B 229 16.27 20.12 19.44
N ARG B 230 15.62 20.97 20.23
CA ARG B 230 14.17 21.27 20.23
C ARG B 230 13.99 22.76 19.95
N LEU B 231 12.76 23.19 19.71
CA LEU B 231 12.40 24.60 19.43
C LEU B 231 11.70 25.12 20.67
N VAL B 232 12.07 26.31 21.15
CA VAL B 232 11.43 26.98 22.32
C VAL B 232 10.00 27.39 21.90
N GLY B 233 8.99 26.91 22.62
CA GLY B 233 7.56 27.08 22.28
C GLY B 233 7.04 25.95 21.41
N GLY B 234 7.90 25.07 20.89
CA GLY B 234 7.48 23.96 20.01
C GLY B 234 7.48 24.34 18.55
N VAL B 235 7.08 23.40 17.68
CA VAL B 235 7.26 23.48 16.20
C VAL B 235 6.03 24.10 15.53
N GLN B 236 4.81 23.81 15.98
CA GLN B 236 3.61 24.37 15.29
C GLN B 236 3.71 25.90 15.28
N PRO B 237 4.14 26.57 16.38
CA PRO B 237 4.38 28.02 16.34
C PRO B 237 5.34 28.48 15.23
N LEU B 238 6.41 27.73 14.97
CA LEU B 238 7.31 28.04 13.82
C LEU B 238 6.49 28.06 12.52
N ALA B 239 5.61 27.07 12.31
CA ALA B 239 4.77 26.98 11.09
C ALA B 239 3.84 28.18 11.03
N GLU B 240 3.28 28.58 12.18
CA GLU B 240 2.27 29.67 12.23
C GLU B 240 2.95 31.00 11.87
N ARG B 241 4.26 31.11 12.10
CA ARG B 241 5.06 32.33 11.76
C ARG B 241 5.35 32.34 10.26
N LEU B 242 5.66 31.19 9.69
CA LEU B 242 5.87 31.04 8.21
C LEU B 242 4.58 31.42 7.46
N ALA B 243 3.40 31.19 8.06
CA ALA B 243 2.05 31.40 7.47
C ALA B 243 1.71 32.90 7.46
N ALA B 244 2.10 33.60 8.53
CA ALA B 244 1.97 35.06 8.74
C ALA B 244 2.66 35.84 7.60
N ARG B 245 3.72 35.29 6.99
CA ARG B 245 4.45 35.86 5.82
C ARG B 245 3.61 35.78 4.52
N LEU B 246 2.54 34.98 4.49
CA LEU B 246 1.63 34.90 3.32
C LEU B 246 0.68 36.08 3.40
N PRO B 247 0.27 36.65 2.25
CA PRO B 247 -0.68 37.76 2.24
C PRO B 247 -2.02 37.35 2.85
N ASP B 248 -2.81 38.35 3.27
CA ASP B 248 -4.15 38.14 3.84
C ASP B 248 -5.04 37.52 2.75
N GLY B 249 -5.82 36.50 3.11
CA GLY B 249 -6.75 35.80 2.19
C GLY B 249 -6.11 34.66 1.41
N ALA B 250 -4.79 34.42 1.54
CA ALA B 250 -4.05 33.35 0.85
C ALA B 250 -4.34 31.98 1.48
N LEU B 251 -4.32 31.92 2.82
CA LEU B 251 -4.50 30.69 3.63
C LEU B 251 -6.00 30.49 3.89
N ARG B 252 -6.51 29.32 3.49
CA ARG B 252 -7.91 28.89 3.70
C ARG B 252 -7.92 27.61 4.53
N LEU B 253 -8.15 27.74 5.83
CA LEU B 253 -8.27 26.62 6.78
C LEU B 253 -9.63 25.94 6.57
N SER B 254 -9.86 24.82 7.26
CA SER B 254 -11.12 24.03 7.27
C SER B 254 -11.69 23.86 5.85
N THR B 255 -10.83 23.65 4.86
CA THR B 255 -11.14 23.63 3.41
C THR B 255 -10.48 22.42 2.76
N PRO B 256 -10.97 21.19 3.03
CA PRO B 256 -10.47 20.00 2.36
C PRO B 256 -10.60 20.13 0.82
N VAL B 257 -9.58 19.69 0.08
CA VAL B 257 -9.67 19.53 -1.41
C VAL B 257 -10.20 18.13 -1.71
N ARG B 258 -11.29 18.03 -2.46
CA ARG B 258 -11.93 16.72 -2.80
C ARG B 258 -11.62 16.35 -4.24
N GLY B 259 -11.37 17.35 -5.08
CA GLY B 259 -11.36 17.18 -6.54
C GLY B 259 -10.31 18.05 -7.15
N LEU B 260 -9.67 17.56 -8.20
CA LEU B 260 -8.60 18.26 -8.93
C LEU B 260 -8.72 17.86 -10.39
N ALA B 261 -9.31 18.77 -11.19
CA ALA B 261 -9.51 18.65 -12.65
C ALA B 261 -8.46 19.52 -13.34
N GLN B 262 -8.13 19.20 -14.57
CA GLN B 262 -7.19 20.03 -15.35
C GLN B 262 -7.50 19.85 -16.85
N ASP B 263 -7.18 20.86 -17.64
CA ASP B 263 -7.34 20.92 -19.12
C ASP B 263 -6.12 21.69 -19.68
N GLY B 264 -6.16 22.17 -20.93
CA GLY B 264 -4.99 22.81 -21.57
C GLY B 264 -4.77 24.25 -21.10
N ASP B 265 -5.61 24.75 -20.19
CA ASP B 265 -5.71 26.18 -19.78
C ASP B 265 -5.52 26.38 -18.26
N GLY B 266 -5.58 25.32 -17.45
CA GLY B 266 -5.54 25.45 -15.99
C GLY B 266 -6.10 24.25 -15.24
N VAL B 267 -6.43 24.46 -13.96
CA VAL B 267 -6.89 23.40 -13.05
C VAL B 267 -8.04 24.02 -12.26
N THR B 268 -9.03 23.21 -11.94
CA THR B 268 -10.18 23.58 -11.09
C THR B 268 -10.08 22.71 -9.86
N VAL B 269 -10.13 23.31 -8.68
CA VAL B 269 -10.08 22.54 -7.42
C VAL B 269 -11.50 22.56 -6.87
N ARG B 270 -12.06 21.39 -6.56
CA ARG B 270 -13.41 21.26 -5.97
C ARG B 270 -13.21 21.08 -4.46
N THR B 271 -13.92 21.87 -3.66
CA THR B 271 -13.99 21.76 -2.18
C THR B 271 -15.45 21.45 -1.83
N ALA B 272 -15.84 21.56 -0.55
CA ALA B 272 -17.15 21.14 0.00
C ALA B 272 -18.30 21.79 -0.76
N GLY B 273 -18.13 23.02 -1.21
CA GLY B 273 -19.15 23.71 -2.03
C GLY B 273 -18.60 24.95 -2.70
N GLY B 274 -17.37 24.86 -3.21
CA GLY B 274 -16.74 25.89 -4.04
C GLY B 274 -15.85 25.26 -5.11
N GLU B 275 -15.49 26.04 -6.11
CA GLU B 275 -14.37 25.76 -7.05
C GLU B 275 -13.38 26.92 -6.95
N VAL B 276 -12.08 26.62 -7.02
CA VAL B 276 -10.98 27.59 -7.20
C VAL B 276 -10.39 27.27 -8.55
N ARG B 277 -10.06 28.30 -9.34
CA ARG B 277 -9.42 28.09 -10.66
C ARG B 277 -7.99 28.58 -10.51
N ALA B 278 -7.03 27.84 -11.05
CA ALA B 278 -5.60 28.22 -11.05
C ALA B 278 -4.94 27.80 -12.37
N ARG B 279 -3.76 28.34 -12.65
CA ARG B 279 -2.97 27.97 -13.85
C ARG B 279 -2.25 26.64 -13.58
N ARG B 280 -1.80 26.44 -12.32
CA ARG B 280 -1.01 25.25 -11.87
C ARG B 280 -1.26 24.95 -10.39
N ALA B 281 -0.89 23.76 -9.97
CA ALA B 281 -1.21 23.25 -8.62
C ALA B 281 0.01 22.56 -8.02
N ILE B 282 0.15 22.70 -6.71
CA ILE B 282 1.14 21.93 -5.90
C ILE B 282 0.37 21.13 -4.85
N VAL B 283 0.40 19.81 -4.98
CA VAL B 283 -0.18 18.86 -3.99
C VAL B 283 0.93 18.52 -3.01
N ALA B 284 0.76 18.87 -1.73
CA ALA B 284 1.78 18.71 -0.66
C ALA B 284 1.16 17.94 0.51
N VAL B 285 0.51 16.81 0.23
CA VAL B 285 -0.13 15.97 1.28
C VAL B 285 0.66 14.66 1.37
N PRO B 286 0.49 13.85 2.45
CA PRO B 286 1.09 12.51 2.50
C PRO B 286 0.59 11.64 1.34
N PRO B 287 1.43 10.76 0.78
CA PRO B 287 1.05 9.97 -0.40
C PRO B 287 -0.33 9.28 -0.39
N THR B 288 -0.65 8.58 0.71
CA THR B 288 -1.96 7.88 0.87
C THR B 288 -3.12 8.86 0.66
N LEU B 289 -2.97 10.12 1.09
CA LEU B 289 -4.06 11.14 0.99
C LEU B 289 -4.09 11.74 -0.42
N ALA B 290 -2.96 11.77 -1.12
CA ALA B 290 -2.85 12.38 -2.46
C ALA B 290 -3.65 11.51 -3.46
N GLY B 291 -3.62 10.20 -3.27
CA GLY B 291 -4.38 9.19 -4.05
C GLY B 291 -5.88 9.20 -3.77
N ARG B 292 -6.33 9.81 -2.66
CA ARG B 292 -7.76 9.85 -2.27
C ARG B 292 -8.50 11.01 -2.94
N ILE B 293 -7.78 11.89 -3.62
CA ILE B 293 -8.36 13.08 -4.31
C ILE B 293 -8.94 12.62 -5.66
N ASP B 294 -10.09 13.16 -6.06
CA ASP B 294 -10.72 12.83 -7.37
C ASP B 294 -9.91 13.57 -8.46
N HIS B 295 -8.97 12.90 -9.15
CA HIS B 295 -8.18 13.48 -10.27
C HIS B 295 -8.96 13.35 -11.59
N ASP B 296 -8.98 14.41 -12.40
CA ASP B 296 -9.59 14.43 -13.76
C ASP B 296 -8.62 15.16 -14.70
N PRO B 297 -8.07 14.47 -15.71
CA PRO B 297 -8.23 13.03 -15.87
C PRO B 297 -7.66 12.21 -14.72
N PRO B 298 -7.91 10.87 -14.66
CA PRO B 298 -7.25 10.01 -13.67
C PRO B 298 -5.73 10.09 -13.78
N LEU B 299 -5.03 9.90 -12.66
CA LEU B 299 -3.55 9.78 -12.56
C LEU B 299 -3.09 8.61 -13.45
N PRO B 300 -1.96 8.75 -14.18
CA PRO B 300 -1.46 7.63 -14.97
C PRO B 300 -1.28 6.42 -14.05
N PRO B 301 -1.34 5.19 -14.61
CA PRO B 301 -1.29 3.98 -13.82
C PRO B 301 -0.09 3.84 -12.85
N GLN B 302 1.11 4.21 -13.26
CA GLN B 302 2.34 3.93 -12.44
C GLN B 302 2.28 4.77 -11.15
N ARG B 303 1.81 6.00 -11.26
CA ARG B 303 1.70 6.92 -10.10
C ARG B 303 0.56 6.44 -9.18
N ASP B 304 -0.59 5.99 -9.71
CA ASP B 304 -1.66 5.50 -8.79
C ASP B 304 -1.11 4.31 -7.98
N GLN B 305 -0.44 3.36 -8.62
CA GLN B 305 0.04 2.13 -7.95
C GLN B 305 1.17 2.48 -6.97
N LEU B 306 1.98 3.48 -7.27
CA LEU B 306 3.05 3.92 -6.33
C LEU B 306 2.43 4.31 -5.00
N LEU B 307 1.40 5.15 -5.03
CA LEU B 307 0.67 5.63 -3.82
C LEU B 307 0.13 4.43 -3.03
N GLN B 308 -0.35 3.38 -3.72
CA GLN B 308 -0.79 2.08 -3.12
C GLN B 308 0.40 1.34 -2.50
N HIS B 309 1.63 1.60 -2.95
CA HIS B 309 2.86 0.93 -2.42
C HIS B 309 3.66 1.84 -1.47
N MET B 310 3.09 2.93 -0.96
CA MET B 310 3.76 3.89 -0.04
C MET B 310 2.96 4.02 1.25
N PRO B 311 2.79 2.93 2.04
CA PRO B 311 1.97 3.01 3.25
C PRO B 311 2.68 3.80 4.36
N GLN B 312 1.94 4.63 5.10
CA GLN B 312 2.50 5.43 6.22
C GLN B 312 2.84 4.48 7.37
N GLY B 313 3.65 4.94 8.30
CA GLY B 313 4.04 4.11 9.45
C GLY B 313 2.96 4.10 10.51
N SER B 314 3.25 3.40 11.60
CA SER B 314 2.38 3.26 12.79
C SER B 314 3.13 3.80 14.00
N VAL B 315 2.67 4.89 14.57
CA VAL B 315 3.29 5.41 15.82
C VAL B 315 2.20 6.09 16.66
N VAL B 316 2.30 5.90 17.96
CA VAL B 316 1.58 6.63 19.05
C VAL B 316 2.65 7.33 19.89
N LYS B 317 2.70 8.64 19.84
CA LYS B 317 3.67 9.44 20.62
C LYS B 317 3.03 9.85 21.94
N PHE B 318 3.75 9.70 23.04
CA PHE B 318 3.21 10.07 24.36
C PHE B 318 4.19 10.99 25.12
N HIS B 319 3.64 11.69 26.12
CA HIS B 319 4.35 12.48 27.15
C HIS B 319 3.72 12.17 28.52
N VAL B 320 4.52 11.68 29.45
CA VAL B 320 4.09 11.42 30.86
C VAL B 320 4.54 12.63 31.67
N ILE B 321 3.60 13.33 32.30
CA ILE B 321 3.84 14.61 33.03
C ILE B 321 4.04 14.29 34.51
N TYR B 322 5.13 14.78 35.10
CA TYR B 322 5.47 14.68 36.54
C TYR B 322 5.68 16.09 37.13
N ASP B 323 5.48 16.24 38.43
CA ASP B 323 5.66 17.55 39.13
C ASP B 323 7.11 18.00 38.87
N GLU B 324 8.07 17.11 38.97
CA GLU B 324 9.53 17.40 38.83
C GLU B 324 10.13 16.36 37.91
N PRO B 325 11.26 16.65 37.24
CA PRO B 325 12.05 15.62 36.57
C PRO B 325 12.86 14.81 37.57
N TRP B 326 12.19 13.96 38.35
CA TRP B 326 12.71 13.26 39.57
C TRP B 326 13.94 12.37 39.24
N TRP B 327 13.99 11.74 38.05
CA TRP B 327 15.03 10.74 37.65
C TRP B 327 16.42 11.38 37.61
N ARG B 328 16.49 12.68 37.33
CA ARG B 328 17.77 13.44 37.27
C ARG B 328 18.57 13.27 38.58
N ALA B 329 17.91 13.40 39.73
CA ALA B 329 18.54 13.26 41.08
C ALA B 329 19.07 11.83 41.29
N GLU B 330 18.48 10.81 40.64
CA GLU B 330 18.93 9.40 40.75
C GLU B 330 20.12 9.13 39.83
N GLY B 331 20.53 10.12 39.02
CA GLY B 331 21.58 9.95 38.00
C GLY B 331 21.09 9.23 36.74
N LEU B 332 19.79 9.26 36.44
CA LEU B 332 19.22 8.66 35.20
C LEU B 332 19.03 9.76 34.15
N SER B 333 19.14 9.43 32.86
CA SER B 333 18.85 10.32 31.72
C SER B 333 17.35 10.48 31.49
N GLY B 334 16.54 9.49 31.88
CA GLY B 334 15.12 9.39 31.49
C GLY B 334 14.92 8.55 30.23
N THR B 335 16.02 8.17 29.56
CA THR B 335 16.07 7.22 28.42
C THR B 335 16.08 5.79 28.96
N VAL B 336 15.12 4.99 28.52
CA VAL B 336 15.12 3.52 28.67
C VAL B 336 15.05 2.92 27.25
N LEU B 337 15.65 1.77 27.04
CA LEU B 337 15.60 1.03 25.76
C LEU B 337 15.19 -0.41 26.06
N CYS B 338 14.12 -0.93 25.46
CA CYS B 338 13.47 -2.21 25.83
C CYS B 338 13.02 -3.01 24.61
N PRO B 339 13.93 -3.78 23.97
CA PRO B 339 13.58 -4.57 22.80
C PRO B 339 12.37 -5.51 22.93
N ASP B 340 12.07 -6.00 24.14
CA ASP B 340 11.06 -7.06 24.42
C ASP B 340 9.78 -6.42 24.99
N GLU B 341 9.61 -5.10 24.90
CA GLU B 341 8.46 -4.36 25.50
C GLU B 341 7.65 -3.65 24.42
N PRO B 342 6.39 -3.24 24.68
CA PRO B 342 5.63 -2.44 23.73
C PRO B 342 6.18 -1.03 23.46
N ILE B 343 6.71 -0.37 24.49
CA ILE B 343 7.43 0.94 24.41
C ILE B 343 8.86 0.66 23.89
N GLY B 344 9.23 1.21 22.73
CA GLY B 344 10.61 1.13 22.20
C GLY B 344 11.63 1.96 22.97
N VAL B 345 11.50 3.28 22.95
CA VAL B 345 12.57 4.20 23.45
C VAL B 345 11.93 5.44 24.09
N THR B 346 12.62 6.07 25.05
CA THR B 346 12.09 7.25 25.78
C THR B 346 13.16 8.34 25.89
N PHE B 347 12.74 9.58 26.09
CA PHE B 347 13.60 10.76 26.22
C PHE B 347 13.05 11.64 27.34
N ASP B 348 13.95 12.28 28.09
CA ASP B 348 13.65 13.46 28.92
C ASP B 348 13.06 14.58 28.02
N GLY B 349 11.79 14.94 28.22
CA GLY B 349 11.10 15.98 27.44
C GLY B 349 10.89 17.27 28.25
N THR B 350 11.55 17.38 29.40
CA THR B 350 11.44 18.52 30.34
C THR B 350 11.86 19.81 29.62
N PRO B 351 11.05 20.89 29.67
CA PRO B 351 11.44 22.17 29.05
C PRO B 351 12.52 22.88 29.86
N PRO B 352 13.17 23.92 29.28
CA PRO B 352 14.32 24.59 29.91
C PRO B 352 14.10 25.07 31.37
N ALA B 353 12.87 25.49 31.72
CA ALA B 353 12.52 25.96 33.08
C ALA B 353 12.81 24.85 34.10
N GLY B 354 12.88 23.58 33.69
CA GLY B 354 13.22 22.43 34.57
C GLY B 354 11.99 21.79 35.21
N THR B 355 10.81 22.40 35.06
CA THR B 355 9.49 21.80 35.43
C THR B 355 8.48 22.14 34.34
N PRO B 356 7.40 21.35 34.16
CA PRO B 356 7.22 20.06 34.83
C PRO B 356 8.23 19.01 34.33
N GLY B 357 8.37 17.89 35.01
CA GLY B 357 9.08 16.72 34.47
C GLY B 357 8.25 16.09 33.35
N ILE B 358 8.86 15.75 32.21
CA ILE B 358 8.20 15.01 31.09
C ILE B 358 9.12 13.85 30.66
N VAL B 359 8.53 12.65 30.53
CA VAL B 359 9.16 11.51 29.82
C VAL B 359 8.42 11.34 28.49
N THR B 360 9.12 11.43 27.37
CA THR B 360 8.59 11.35 26.00
C THR B 360 8.88 9.95 25.49
N GLY B 361 7.93 9.34 24.76
CA GLY B 361 8.15 7.99 24.24
C GLY B 361 7.18 7.64 23.13
N PHE B 362 7.33 6.44 22.58
CA PHE B 362 6.72 6.00 21.31
C PHE B 362 6.32 4.53 21.42
N PHE B 363 5.09 4.22 20.96
CA PHE B 363 4.72 2.88 20.45
C PHE B 363 4.99 2.88 18.94
N GLU B 364 5.77 1.94 18.44
CA GLU B 364 6.17 1.86 17.02
C GLU B 364 5.59 0.57 16.41
N GLY B 365 5.13 0.60 15.16
CA GLY B 365 4.84 -0.60 14.34
C GLY B 365 3.68 -1.42 14.91
N PRO B 366 3.83 -2.76 15.10
CA PRO B 366 2.79 -3.61 15.69
C PRO B 366 2.32 -3.13 17.06
N ALA B 367 3.23 -2.65 17.92
CA ALA B 367 2.90 -2.15 19.26
C ALA B 367 1.99 -0.91 19.18
N ALA B 368 2.14 -0.08 18.14
CA ALA B 368 1.31 1.14 17.94
C ALA B 368 -0.08 0.70 17.46
N VAL B 369 -0.16 -0.30 16.59
CA VAL B 369 -1.46 -0.77 16.04
C VAL B 369 -2.27 -1.38 17.19
N ALA B 370 -1.65 -2.19 18.06
CA ALA B 370 -2.31 -2.80 19.24
C ALA B 370 -2.76 -1.73 20.23
N ALA B 371 -1.89 -0.77 20.58
CA ALA B 371 -2.20 0.28 21.59
C ALA B 371 -3.21 1.31 21.03
N GLY B 372 -3.25 1.53 19.72
CA GLY B 372 -4.25 2.41 19.09
C GLY B 372 -5.66 1.84 19.22
N ALA B 373 -5.78 0.54 19.47
CA ALA B 373 -7.11 -0.13 19.59
C ALA B 373 -7.67 0.06 21.00
N ARG B 374 -6.82 0.42 21.96
CA ARG B 374 -7.08 0.48 23.42
C ARG B 374 -7.38 1.93 23.79
N THR B 375 -7.83 2.22 25.03
CA THR B 375 -8.17 3.61 25.45
C THR B 375 -6.88 4.36 25.80
N ARG B 376 -6.91 5.69 25.82
CA ARG B 376 -5.81 6.53 26.38
C ARG B 376 -5.39 5.97 27.76
N GLU B 377 -6.35 5.60 28.63
CA GLU B 377 -6.10 5.16 30.04
C GLU B 377 -5.39 3.80 30.03
N GLU B 378 -5.80 2.87 29.16
CA GLU B 378 -5.11 1.56 29.02
C GLU B 378 -3.67 1.82 28.56
N ARG B 379 -3.46 2.70 27.57
CA ARG B 379 -2.12 3.07 27.06
C ARG B 379 -1.30 3.74 28.17
N ARG B 380 -1.89 4.59 28.99
CA ARG B 380 -1.18 5.15 30.17
C ARG B 380 -0.65 4.03 31.08
N ASP B 381 -1.46 3.00 31.39
CA ASP B 381 -1.09 1.90 32.33
C ASP B 381 0.09 1.12 31.73
N VAL B 382 0.07 0.89 30.41
CA VAL B 382 1.16 0.11 29.77
C VAL B 382 2.48 0.89 29.90
N VAL B 383 2.48 2.18 29.56
CA VAL B 383 3.69 3.04 29.63
C VAL B 383 4.23 3.06 31.07
N VAL B 384 3.37 3.36 32.06
CA VAL B 384 3.81 3.48 33.48
C VAL B 384 4.35 2.14 34.01
N ASP B 385 3.78 0.97 33.65
CA ASP B 385 4.34 -0.34 34.06
C ASP B 385 5.81 -0.46 33.60
N VAL B 386 6.11 -0.22 32.31
CA VAL B 386 7.50 -0.27 31.76
C VAL B 386 8.40 0.71 32.54
N LEU B 387 7.97 1.95 32.76
CA LEU B 387 8.84 2.97 33.41
C LEU B 387 9.12 2.59 34.86
N ALA B 388 8.16 2.00 35.57
CA ALA B 388 8.31 1.61 37.00
C ALA B 388 9.40 0.53 37.10
N ARG B 389 9.50 -0.34 36.10
CA ARG B 389 10.43 -1.51 36.12
C ARG B 389 11.84 -1.08 35.73
N THR B 390 12.01 0.12 35.17
CA THR B 390 13.28 0.58 34.51
C THR B 390 13.80 1.84 35.21
N LEU B 391 12.96 2.88 35.32
CA LEU B 391 13.37 4.15 35.98
C LEU B 391 13.17 4.01 37.49
N GLY B 392 12.17 3.23 37.94
CA GLY B 392 11.91 2.93 39.36
C GLY B 392 10.50 3.27 39.77
N GLU B 393 10.18 3.03 41.04
CA GLU B 393 8.78 3.05 41.58
C GLU B 393 8.16 4.46 41.47
N ARG B 394 8.96 5.52 41.47
CA ARG B 394 8.44 6.92 41.44
C ARG B 394 7.78 7.26 40.08
N ALA B 395 7.89 6.39 39.08
CA ALA B 395 7.19 6.49 37.77
C ALA B 395 5.67 6.47 37.93
N ARG B 396 5.16 6.01 39.08
CA ARG B 396 3.70 5.84 39.33
C ARG B 396 3.08 7.13 39.87
N ASP B 397 3.88 8.06 40.39
CA ASP B 397 3.39 9.38 40.86
C ASP B 397 3.18 10.29 39.63
N VAL B 398 2.26 9.94 38.75
CA VAL B 398 1.98 10.60 37.45
C VAL B 398 1.00 11.75 37.66
N ARG B 399 1.34 12.96 37.18
CA ARG B 399 0.45 14.15 37.24
C ARG B 399 -0.50 14.11 36.05
N ASP B 400 -0.02 13.75 34.86
CA ASP B 400 -0.91 13.63 33.68
C ASP B 400 -0.26 12.76 32.58
N TYR B 401 -1.05 12.38 31.60
CA TYR B 401 -0.62 11.56 30.46
C TYR B 401 -1.29 12.14 29.22
N ILE B 402 -0.52 12.56 28.22
CA ILE B 402 -1.03 13.04 26.91
C ILE B 402 -0.42 12.16 25.81
N ASP B 403 -1.21 11.63 24.87
CA ASP B 403 -0.65 10.92 23.69
C ASP B 403 -1.43 11.24 22.42
N ARG B 404 -0.96 10.72 21.28
CA ARG B 404 -1.58 10.96 19.95
C ARG B 404 -1.27 9.76 19.03
N ASP B 405 -2.32 9.10 18.53
CA ASP B 405 -2.20 8.05 17.50
C ASP B 405 -2.31 8.74 16.13
N TRP B 406 -1.21 8.85 15.39
CA TRP B 406 -1.20 9.57 14.09
C TRP B 406 -1.88 8.73 12.99
N SER B 407 -2.01 7.43 13.20
CA SER B 407 -2.80 6.53 12.32
C SER B 407 -4.27 6.92 12.38
N ALA B 408 -4.77 7.39 13.54
CA ALA B 408 -6.17 7.79 13.76
C ALA B 408 -6.48 9.20 13.22
N GLU B 409 -5.47 10.05 12.92
CA GLU B 409 -5.64 11.39 12.28
C GLU B 409 -6.03 11.24 10.80
N PRO B 410 -7.27 11.62 10.42
CA PRO B 410 -7.76 11.43 9.05
C PRO B 410 -6.95 12.21 8.02
N TRP B 411 -6.28 13.29 8.45
CA TRP B 411 -5.52 14.17 7.52
C TRP B 411 -4.03 13.84 7.54
N THR B 412 -3.67 12.69 8.11
CA THR B 412 -2.28 12.15 8.04
C THR B 412 -2.29 10.66 7.72
N ARG B 413 -3.03 9.88 8.51
CA ARG B 413 -3.15 8.40 8.43
C ARG B 413 -1.79 7.72 8.59
N GLY B 414 -0.98 8.19 9.54
CA GLY B 414 0.27 7.52 9.95
C GLY B 414 1.51 8.41 9.90
N CYS B 415 2.35 8.27 10.92
CA CYS B 415 3.65 8.96 11.06
C CYS B 415 4.72 7.86 11.10
N TYR B 416 5.98 8.22 10.89
CA TYR B 416 6.43 9.56 10.56
C TYR B 416 6.14 9.91 9.10
N GLY B 417 6.09 8.89 8.23
CA GLY B 417 5.93 9.07 6.79
C GLY B 417 5.93 7.73 6.11
N ALA B 418 5.93 7.69 4.79
CA ALA B 418 5.77 6.40 4.06
C ALA B 418 7.08 5.62 4.14
N HIS B 419 6.97 4.31 4.14
CA HIS B 419 8.04 3.34 3.80
C HIS B 419 7.59 2.62 2.54
N LEU B 420 8.51 1.94 1.86
CA LEU B 420 8.23 1.18 0.61
C LEU B 420 8.64 -0.28 0.83
N PRO B 421 7.71 -1.23 0.64
CA PRO B 421 8.01 -2.64 0.85
C PRO B 421 8.79 -3.09 -0.38
N PRO B 422 9.28 -4.34 -0.41
CA PRO B 422 9.96 -4.90 -1.57
C PRO B 422 9.24 -4.82 -2.93
N GLY B 423 10.02 -4.51 -3.97
CA GLY B 423 9.58 -4.46 -5.38
C GLY B 423 9.03 -3.09 -5.74
N ALA B 424 8.94 -2.17 -4.78
CA ALA B 424 8.18 -0.91 -4.95
C ALA B 424 9.04 0.20 -5.56
N TRP B 425 10.26 0.40 -5.05
CA TRP B 425 11.15 1.47 -5.54
C TRP B 425 11.45 1.28 -7.02
N THR B 426 11.79 0.08 -7.47
CA THR B 426 12.36 -0.12 -8.83
C THR B 426 11.26 -0.06 -9.90
N VAL B 427 10.02 -0.41 -9.53
CA VAL B 427 8.91 -0.66 -10.50
C VAL B 427 8.01 0.56 -10.58
N TYR B 428 7.60 1.11 -9.43
CA TYR B 428 6.65 2.25 -9.32
C TYR B 428 7.38 3.54 -8.93
N GLY B 429 8.51 3.44 -8.25
CA GLY B 429 9.28 4.58 -7.69
C GLY B 429 9.56 5.72 -8.68
N PRO B 430 9.97 5.49 -9.94
CA PRO B 430 10.21 6.60 -10.87
C PRO B 430 9.10 7.65 -11.04
N ALA B 431 7.87 7.43 -10.59
CA ALA B 431 6.76 8.40 -10.76
C ALA B 431 6.64 9.31 -9.52
N LEU B 432 7.62 9.27 -8.62
CA LEU B 432 7.53 9.95 -7.31
C LEU B 432 7.36 11.47 -7.50
N ARG B 433 8.19 12.12 -8.32
CA ARG B 433 8.30 13.60 -8.44
C ARG B 433 7.84 14.12 -9.80
N VAL B 434 7.82 13.28 -10.84
CA VAL B 434 7.42 13.71 -12.21
C VAL B 434 6.08 14.43 -12.11
N PRO B 435 5.94 15.69 -12.56
CA PRO B 435 4.62 16.33 -12.62
C PRO B 435 3.69 15.62 -13.64
N VAL B 436 2.42 15.62 -13.37
CA VAL B 436 1.36 15.14 -14.30
C VAL B 436 0.65 16.39 -14.86
N GLY B 437 1.00 16.79 -16.07
CA GLY B 437 0.51 18.04 -16.69
C GLY B 437 0.77 19.24 -15.79
N ARG B 438 -0.26 19.86 -15.24
CA ARG B 438 -0.20 21.16 -14.50
C ARG B 438 -0.12 20.89 -12.99
N VAL B 439 -0.03 19.62 -12.58
CA VAL B 439 -0.08 19.22 -11.16
C VAL B 439 1.31 18.73 -10.78
N HIS B 440 1.86 19.37 -9.75
CA HIS B 440 3.21 19.13 -9.20
C HIS B 440 3.07 18.55 -7.80
N TRP B 441 4.11 17.84 -7.36
CA TRP B 441 4.14 17.07 -6.08
C TRP B 441 5.21 17.64 -5.15
N ALA B 442 4.85 17.84 -3.89
CA ALA B 442 5.76 18.14 -2.76
C ALA B 442 5.34 17.31 -1.53
N GLY B 443 6.01 17.52 -0.40
CA GLY B 443 5.87 16.76 0.85
C GLY B 443 7.16 16.05 1.10
N THR B 444 7.51 15.77 2.37
CA THR B 444 8.84 15.24 2.79
C THR B 444 9.20 13.95 2.00
N GLU B 445 8.22 13.13 1.61
CA GLU B 445 8.42 11.83 0.90
C GLU B 445 9.03 12.05 -0.51
N THR B 446 8.99 13.28 -1.04
CA THR B 446 9.59 13.61 -2.36
C THR B 446 10.97 14.24 -2.18
N ALA B 447 11.45 14.48 -0.96
CA ALA B 447 12.73 15.18 -0.70
C ALA B 447 13.89 14.24 -1.02
N GLU B 448 15.03 14.79 -1.46
CA GLU B 448 16.30 14.04 -1.72
C GLU B 448 17.08 13.81 -0.40
N ARG B 449 17.18 14.85 0.43
CA ARG B 449 17.99 14.89 1.67
C ARG B 449 17.05 15.05 2.86
N TRP B 450 17.28 14.27 3.93
CA TRP B 450 16.45 14.27 5.16
C TRP B 450 14.98 13.97 4.81
N THR B 451 14.74 13.04 3.87
CA THR B 451 13.38 12.51 3.56
C THR B 451 12.78 11.96 4.86
N GLY B 452 11.51 12.27 5.13
CA GLY B 452 10.81 11.85 6.38
C GLY B 452 10.92 12.85 7.52
N TYR B 453 11.68 13.95 7.36
CA TYR B 453 11.98 14.98 8.40
C TYR B 453 11.37 16.33 7.98
N ILE B 454 11.24 17.25 8.93
CA ILE B 454 10.76 18.65 8.67
C ILE B 454 11.66 19.32 7.61
N ASP B 455 12.97 19.10 7.70
CA ASP B 455 13.99 19.57 6.72
C ASP B 455 13.61 19.13 5.29
N GLY B 456 13.23 17.86 5.10
CA GLY B 456 12.92 17.30 3.77
C GLY B 456 11.68 17.94 3.20
N ALA B 457 10.71 18.25 4.05
CA ALA B 457 9.43 18.89 3.65
C ALA B 457 9.73 20.25 3.00
N ILE B 458 10.61 21.03 3.64
CA ILE B 458 11.06 22.38 3.17
C ILE B 458 11.78 22.24 1.82
N GLU B 459 12.77 21.37 1.69
CA GLU B 459 13.41 21.13 0.39
C GLU B 459 12.32 20.91 -0.66
N SER B 460 11.32 20.11 -0.35
CA SER B 460 10.29 19.64 -1.32
C SER B 460 9.47 20.85 -1.77
N GLY B 461 9.06 21.71 -0.83
CA GLY B 461 8.40 23.00 -1.11
C GLY B 461 9.21 23.91 -2.04
N GLN B 462 10.54 23.95 -1.89
CA GLN B 462 11.47 24.83 -2.67
C GLN B 462 11.57 24.28 -4.10
N ARG B 463 11.68 22.96 -4.25
CA ARG B 463 11.79 22.30 -5.57
C ARG B 463 10.49 22.56 -6.36
N ALA B 464 9.34 22.33 -5.75
CA ALA B 464 8.03 22.35 -6.44
C ALA B 464 7.73 23.79 -6.88
N ALA B 465 7.99 24.77 -6.01
CA ALA B 465 7.85 26.23 -6.31
C ALA B 465 8.67 26.59 -7.56
N ALA B 466 9.92 26.13 -7.66
CA ALA B 466 10.82 26.35 -8.82
C ALA B 466 10.21 25.76 -10.11
N GLU B 467 9.80 24.50 -10.09
CA GLU B 467 9.26 23.85 -11.33
C GLU B 467 8.10 24.69 -11.89
N VAL B 468 7.19 25.13 -11.01
CA VAL B 468 5.91 25.87 -11.26
C VAL B 468 6.21 27.29 -11.78
N LEU B 469 7.09 28.04 -11.08
CA LEU B 469 7.55 29.40 -11.46
C LEU B 469 8.13 29.37 -12.88
N ALA B 470 8.99 28.39 -13.18
CA ALA B 470 9.58 28.18 -14.52
C ALA B 470 8.47 28.02 -15.57
N ALA B 471 7.48 27.16 -15.29
CA ALA B 471 6.46 26.71 -16.27
C ALA B 471 5.46 27.83 -16.55
N LEU B 472 5.04 28.58 -15.53
CA LEU B 472 4.17 29.76 -15.74
C LEU B 472 4.79 30.57 -16.90
N GLY B 473 6.10 30.89 -16.83
CA GLY B 473 6.91 31.57 -17.87
C GLY B 473 6.80 30.90 -19.24
#